data_3U14
#
_entry.id   3U14
#
_cell.length_a   66.980
_cell.length_b   107.670
_cell.length_c   96.460
_cell.angle_alpha   90.00
_cell.angle_beta   91.92
_cell.angle_gamma   90.00
#
_symmetry.space_group_name_H-M   'P 1 21 1'
#
loop_
_entity.id
_entity.type
_entity.pdbx_description
1 polymer Fructofuranosidase
2 branched beta-D-fructofuranose-(2-1)-beta-D-fructofuranose-(2-1)-beta-D-fructofuranose-(2-1)-beta-D-fructofuranose-(2-1)-beta-D-fructofuranose-(2-1)-beta-D-fructofuranose
3 non-polymer 2-acetamido-2-deoxy-beta-D-glucopyranose
4 water water
#
_entity_poly.entity_id   1
_entity_poly.type   'polypeptide(L)'
_entity_poly.pdbx_seq_one_letter_code
;MVQVLSVLVIPLLTLFFGYVASSSIDLSVDTSEYNRPLIHFTPEKGWMNAPNGLFYDKTAKLWHLYFQYNPNATAWGQPL
YWGHATSNDLVHWDEHEIAIGPEHDNEGIFSGSIVVDHNNTSGFFNSSIDPNQRIVAIYTNNIPDNQTQDIAFSLDGGYT
FTKYENNPVIDVSSNQFRDPKVFWHEDSNQWIMVVSKSQEYKIQIFGSANLKNWVLNSNFSSGYYGNQYECPGLIEVPIE
NSDKSKWVMFLAINPGSPLGGSINQYFVGDFDGFQFVPDDSQTRFVDIGKDFYAFQTFSEVEHGVLGLAWASNWQYADQV
PTNPWRSSTSLARNYTLRYVHTNAETKQLTLIQNPVLPDSINVVDKLKKKNVKLTNKKPIKTNFKGSTGLFDFNITFKVL
NLNVSPGKTHFDILINSQELNSSVDSIKIGFDSSQSSFYIDRHIPNVEFPRKQFFTDKLAAYLEPLDYDQDLRVFSLYGI
VDKNIIELYFNDGTVAMTNTFFMGEGKYPHDIQIVTDTEEPLFELESVIIRELNK
;
_entity_poly.pdbx_strand_id   A,B
#
# COMPACT_ATOMS: atom_id res chain seq x y z
N LEU A 27 -25.84 -22.62 12.70
CA LEU A 27 -27.29 -22.31 12.45
C LEU A 27 -28.09 -21.80 13.66
N SER A 28 -27.55 -22.01 14.87
CA SER A 28 -28.25 -21.64 16.13
C SER A 28 -27.85 -20.25 16.64
N VAL A 29 -26.67 -19.80 16.23
CA VAL A 29 -26.21 -18.46 16.57
C VAL A 29 -26.52 -17.49 15.44
N ASP A 30 -27.22 -16.42 15.77
CA ASP A 30 -27.52 -15.40 14.79
C ASP A 30 -27.02 -14.05 15.30
N THR A 31 -26.08 -13.47 14.57
CA THR A 31 -25.45 -12.23 15.01
C THR A 31 -26.14 -11.00 14.47
N SER A 32 -27.19 -11.19 13.66
CA SER A 32 -27.81 -10.10 12.88
C SER A 32 -28.17 -8.84 13.66
N GLU A 33 -28.72 -9.05 14.86
CA GLU A 33 -29.16 -8.03 15.80
C GLU A 33 -28.13 -6.91 15.96
N TYR A 34 -26.86 -7.28 16.09
CA TYR A 34 -25.80 -6.29 16.28
C TYR A 34 -24.85 -6.13 15.09
N ASN A 35 -24.74 -7.18 14.27
CA ASN A 35 -23.73 -7.34 13.20
C ASN A 35 -24.18 -7.15 11.75
N ARG A 36 -25.46 -7.33 11.47
CA ARG A 36 -25.94 -7.38 10.09
C ARG A 36 -26.34 -6.00 9.62
N PRO A 37 -25.68 -5.51 8.54
CA PRO A 37 -25.99 -4.20 7.96
C PRO A 37 -27.46 -4.05 7.63
N LEU A 38 -27.97 -2.81 7.67
CA LEU A 38 -29.37 -2.55 7.37
C LEU A 38 -29.61 -2.30 5.87
N ILE A 39 -28.67 -1.63 5.22
CA ILE A 39 -28.82 -1.15 3.84
C ILE A 39 -27.67 -1.59 2.91
N HIS A 40 -26.79 -2.45 3.41
CA HIS A 40 -25.82 -3.13 2.56
C HIS A 40 -26.40 -4.49 2.32
N PHE A 41 -26.38 -4.99 1.09
CA PHE A 41 -26.95 -6.32 0.85
C PHE A 41 -26.16 -7.45 1.50
N THR A 42 -26.88 -8.36 2.17
CA THR A 42 -26.33 -9.64 2.65
C THR A 42 -27.30 -10.78 2.34
N PRO A 43 -26.77 -11.97 1.97
CA PRO A 43 -27.69 -13.11 1.83
C PRO A 43 -28.23 -13.48 3.20
N GLU A 44 -29.45 -14.01 3.25
CA GLU A 44 -30.03 -14.44 4.53
C GLU A 44 -29.10 -15.47 5.22
N LYS A 45 -28.59 -16.43 4.46
CA LYS A 45 -27.62 -17.40 4.99
C LYS A 45 -26.57 -17.78 3.95
N GLY A 46 -25.45 -18.27 4.44
CA GLY A 46 -24.39 -18.75 3.57
C GLY A 46 -23.35 -17.69 3.25
N TRP A 47 -22.54 -17.99 2.25
CA TRP A 47 -21.39 -17.17 1.89
C TRP A 47 -21.63 -16.41 0.60
N MET A 48 -21.22 -15.14 0.62
CA MET A 48 -21.20 -14.34 -0.60
C MET A 48 -19.79 -13.78 -0.84
N ASN A 49 -19.35 -13.81 -2.10
CA ASN A 49 -18.24 -12.97 -2.49
C ASN A 49 -18.60 -12.04 -3.66
N ALA A 50 -17.89 -12.09 -4.79
CA ALA A 50 -18.02 -11.04 -5.83
C ALA A 50 -19.43 -10.80 -6.36
N PRO A 51 -19.82 -9.51 -6.50
CA PRO A 51 -21.10 -9.20 -7.17
C PRO A 51 -21.00 -9.47 -8.68
N ASN A 52 -22.11 -9.91 -9.28
CA ASN A 52 -22.16 -10.36 -10.66
C ASN A 52 -23.44 -9.91 -11.34
N GLY A 53 -23.40 -9.85 -12.67
CA GLY A 53 -24.56 -9.59 -13.50
C GLY A 53 -25.36 -8.36 -13.15
N LEU A 54 -24.68 -7.31 -12.71
CA LEU A 54 -25.33 -6.09 -12.29
C LEU A 54 -26.00 -5.43 -13.48
N PHE A 55 -27.32 -5.28 -13.41
CA PHE A 55 -28.05 -4.55 -14.46
C PHE A 55 -29.32 -3.92 -13.95
N TYR A 56 -29.76 -2.90 -14.67
CA TYR A 56 -31.06 -2.28 -14.40
C TYR A 56 -32.09 -2.73 -15.44
N ASP A 57 -33.22 -3.24 -14.95
CA ASP A 57 -34.34 -3.60 -15.83
C ASP A 57 -35.23 -2.37 -15.97
N LYS A 58 -35.19 -1.74 -17.15
CA LYS A 58 -35.98 -0.52 -17.43
C LYS A 58 -37.50 -0.70 -17.42
N THR A 59 -37.98 -1.87 -17.84
CA THR A 59 -39.42 -2.17 -17.80
C THR A 59 -39.90 -2.40 -16.37
N ALA A 60 -39.28 -3.34 -15.66
CA ALA A 60 -39.64 -3.61 -14.28
C ALA A 60 -39.21 -2.51 -13.29
N LYS A 61 -38.32 -1.62 -13.72
CA LYS A 61 -37.69 -0.63 -12.84
C LYS A 61 -37.01 -1.27 -11.64
N LEU A 62 -36.26 -2.35 -11.89
CA LEU A 62 -35.55 -3.06 -10.82
C LEU A 62 -34.05 -3.15 -11.09
N TRP A 63 -33.28 -2.82 -10.05
CA TRP A 63 -31.86 -3.07 -10.06
C TRP A 63 -31.63 -4.53 -9.70
N HIS A 64 -30.84 -5.23 -10.51
CA HIS A 64 -30.50 -6.62 -10.24
C HIS A 64 -29.07 -6.79 -9.73
N LEU A 65 -28.95 -7.52 -8.62
CA LEU A 65 -27.66 -7.90 -8.06
C LEU A 65 -27.59 -9.41 -8.00
N TYR A 66 -26.61 -9.98 -8.67
CA TYR A 66 -26.26 -11.38 -8.49
C TYR A 66 -24.93 -11.43 -7.78
N PHE A 67 -24.56 -12.59 -7.28
CA PHE A 67 -23.34 -12.70 -6.49
C PHE A 67 -22.85 -14.14 -6.42
N GLN A 68 -21.53 -14.27 -6.34
CA GLN A 68 -20.91 -15.55 -6.01
C GLN A 68 -21.50 -16.00 -4.69
N TYR A 69 -22.09 -17.19 -4.69
CA TYR A 69 -22.89 -17.64 -3.57
C TYR A 69 -22.68 -19.11 -3.24
N ASN A 70 -22.36 -19.39 -1.99
CA ASN A 70 -22.36 -20.76 -1.48
C ASN A 70 -23.41 -20.87 -0.38
N PRO A 71 -24.57 -21.46 -0.70
CA PRO A 71 -25.66 -21.58 0.27
C PRO A 71 -25.37 -22.59 1.39
N ASN A 72 -24.35 -23.43 1.22
CA ASN A 72 -24.13 -24.59 2.09
C ASN A 72 -23.17 -24.37 3.29
N ALA A 73 -22.48 -23.22 3.31
CA ALA A 73 -21.55 -22.87 4.39
C ALA A 73 -21.23 -21.38 4.40
N THR A 74 -20.72 -20.88 5.50
CA THR A 74 -20.32 -19.47 5.57
C THR A 74 -18.85 -19.31 5.17
N ALA A 75 -18.48 -20.03 4.11
CA ALA A 75 -17.13 -20.05 3.57
C ALA A 75 -17.23 -20.28 2.08
N TRP A 76 -16.22 -19.86 1.33
CA TRP A 76 -16.13 -20.17 -0.09
C TRP A 76 -16.12 -21.68 -0.32
N GLY A 77 -16.77 -22.15 -1.38
CA GLY A 77 -16.72 -23.59 -1.71
C GLY A 77 -17.61 -23.93 -2.88
N GLN A 78 -17.34 -25.09 -3.50
CA GLN A 78 -18.14 -25.57 -4.62
C GLN A 78 -19.02 -26.74 -4.20
N PRO A 79 -20.23 -26.88 -4.80
CA PRO A 79 -20.79 -26.09 -5.90
C PRO A 79 -21.01 -24.61 -5.55
N LEU A 80 -20.62 -23.74 -6.47
CA LEU A 80 -20.80 -22.29 -6.30
C LEU A 80 -21.80 -21.75 -7.31
N TYR A 81 -22.70 -20.88 -6.84
CA TYR A 81 -23.86 -20.46 -7.62
C TYR A 81 -23.88 -18.95 -7.78
N TRP A 82 -24.71 -18.46 -8.68
CA TRP A 82 -25.12 -17.07 -8.65
C TRP A 82 -26.36 -16.93 -7.77
N GLY A 83 -26.22 -16.27 -6.63
CA GLY A 83 -27.38 -15.78 -5.89
C GLY A 83 -28.03 -14.64 -6.66
N HIS A 84 -29.21 -14.20 -6.22
CA HIS A 84 -29.95 -13.14 -6.92
C HIS A 84 -30.84 -12.36 -5.96
N ALA A 85 -30.75 -11.05 -6.04
CA ALA A 85 -31.64 -10.15 -5.30
C ALA A 85 -31.99 -8.99 -6.19
N THR A 86 -33.10 -8.30 -5.87
CA THR A 86 -33.53 -7.14 -6.66
C THR A 86 -33.82 -5.97 -5.74
N SER A 87 -33.80 -4.76 -6.30
CA SER A 87 -34.06 -3.56 -5.53
C SER A 87 -34.59 -2.47 -6.43
N ASN A 88 -35.55 -1.69 -5.91
CA ASN A 88 -36.05 -0.53 -6.65
C ASN A 88 -35.29 0.77 -6.31
N ASP A 89 -34.44 0.72 -5.29
CA ASP A 89 -33.78 1.95 -4.85
C ASP A 89 -32.31 1.79 -4.44
N LEU A 90 -31.76 0.59 -4.62
CA LEU A 90 -30.34 0.32 -4.28
C LEU A 90 -30.02 0.38 -2.77
N VAL A 91 -31.05 0.38 -1.91
CA VAL A 91 -30.86 0.12 -0.48
C VAL A 91 -31.74 -0.98 0.12
N HIS A 92 -32.96 -1.16 -0.42
CA HIS A 92 -33.85 -2.24 0.00
C HIS A 92 -33.78 -3.41 -1.00
N TRP A 93 -33.44 -4.60 -0.49
CA TRP A 93 -33.24 -5.77 -1.32
C TRP A 93 -34.22 -6.91 -1.05
N ASP A 94 -34.74 -7.52 -2.11
CA ASP A 94 -35.50 -8.75 -2.00
C ASP A 94 -34.65 -9.90 -2.57
N GLU A 95 -34.35 -10.87 -1.71
CA GLU A 95 -33.59 -12.04 -2.13
C GLU A 95 -34.51 -13.01 -2.88
N HIS A 96 -33.99 -13.59 -3.95
CA HIS A 96 -34.74 -14.56 -4.74
C HIS A 96 -34.05 -15.93 -4.77
N GLU A 97 -34.67 -16.89 -5.48
CA GLU A 97 -34.09 -18.19 -5.73
C GLU A 97 -32.80 -18.04 -6.51
N ILE A 98 -31.85 -18.94 -6.26
CA ILE A 98 -30.62 -19.10 -7.03
C ILE A 98 -30.93 -18.99 -8.53
N ALA A 99 -30.15 -18.20 -9.25
CA ALA A 99 -30.37 -17.96 -10.69
C ALA A 99 -29.64 -18.93 -11.62
N ILE A 100 -28.39 -19.26 -11.30
CA ILE A 100 -27.57 -20.18 -12.11
C ILE A 100 -26.78 -21.11 -11.21
N GLY A 101 -26.69 -22.37 -11.61
CA GLY A 101 -25.99 -23.38 -10.82
C GLY A 101 -25.06 -24.20 -11.70
N PRO A 102 -24.06 -24.85 -11.08
CA PRO A 102 -23.11 -25.65 -11.85
C PRO A 102 -23.70 -27.02 -12.25
N GLU A 103 -23.13 -27.63 -13.29
CA GLU A 103 -23.57 -28.94 -13.74
C GLU A 103 -23.25 -30.06 -12.73
N HIS A 104 -22.17 -29.88 -11.97
CA HIS A 104 -21.77 -30.85 -10.91
C HIS A 104 -21.27 -30.13 -9.63
N ASP A 105 -21.18 -30.88 -8.54
CA ASP A 105 -20.73 -30.38 -7.24
C ASP A 105 -19.24 -30.04 -7.27
N ASN A 106 -18.59 -30.61 -8.28
CA ASN A 106 -17.20 -30.45 -8.66
C ASN A 106 -16.90 -29.05 -9.22
N GLU A 107 -17.95 -28.26 -9.42
CA GLU A 107 -17.92 -27.12 -10.31
C GLU A 107 -18.54 -25.84 -9.74
N GLY A 108 -18.38 -24.74 -10.46
CA GLY A 108 -18.90 -23.47 -10.00
C GLY A 108 -19.16 -22.49 -11.12
N ILE A 109 -20.25 -21.73 -10.99
CA ILE A 109 -20.55 -20.62 -11.89
C ILE A 109 -19.81 -19.43 -11.28
N PHE A 110 -18.65 -19.15 -11.85
CA PHE A 110 -17.77 -18.09 -11.34
C PHE A 110 -18.29 -16.74 -11.82
N SER A 111 -17.50 -15.68 -11.65
CA SER A 111 -18.02 -14.33 -11.88
C SER A 111 -18.48 -14.10 -13.31
N GLY A 112 -19.38 -13.14 -13.46
CA GLY A 112 -19.80 -12.71 -14.77
C GLY A 112 -20.59 -11.42 -14.71
N SER A 113 -21.17 -11.09 -15.85
CA SER A 113 -21.85 -9.83 -16.03
C SER A 113 -23.09 -10.11 -16.86
N ILE A 114 -24.01 -9.16 -16.89
CA ILE A 114 -25.17 -9.27 -17.72
C ILE A 114 -25.26 -8.11 -18.68
N VAL A 115 -25.76 -8.41 -19.88
CA VAL A 115 -26.11 -7.38 -20.84
C VAL A 115 -27.54 -7.59 -21.29
N VAL A 116 -28.14 -6.53 -21.79
CA VAL A 116 -29.48 -6.61 -22.35
C VAL A 116 -29.35 -6.53 -23.88
N ASP A 117 -29.64 -7.65 -24.55
CA ASP A 117 -29.50 -7.80 -25.99
C ASP A 117 -30.80 -7.31 -26.67
N HIS A 118 -30.99 -5.99 -26.69
CA HIS A 118 -32.25 -5.38 -27.15
C HIS A 118 -32.62 -5.85 -28.55
N ASN A 119 -31.63 -5.95 -29.41
CA ASN A 119 -31.87 -6.26 -30.82
C ASN A 119 -31.67 -7.74 -31.16
N ASN A 120 -31.64 -8.59 -30.13
CA ASN A 120 -31.66 -10.04 -30.29
C ASN A 120 -30.54 -10.49 -31.23
N THR A 121 -29.35 -9.90 -31.02
CA THR A 121 -28.16 -10.24 -31.80
C THR A 121 -27.74 -11.67 -31.53
N SER A 122 -28.13 -12.18 -30.35
CA SER A 122 -27.83 -13.55 -29.92
C SER A 122 -28.78 -14.60 -30.51
N GLY A 123 -29.92 -14.14 -31.00
CA GLY A 123 -30.94 -15.05 -31.57
C GLY A 123 -31.76 -15.79 -30.52
N PHE A 124 -31.57 -15.46 -29.24
CA PHE A 124 -32.24 -16.21 -28.16
C PHE A 124 -33.70 -15.84 -27.93
N PHE A 125 -34.10 -14.65 -28.38
CA PHE A 125 -35.33 -14.01 -27.90
C PHE A 125 -36.45 -13.89 -28.92
N ASN A 126 -37.65 -14.29 -28.47
CA ASN A 126 -38.93 -14.08 -29.16
C ASN A 126 -39.21 -12.63 -29.42
N SER A 127 -40.04 -12.42 -30.43
CA SER A 127 -40.80 -11.21 -30.59
C SER A 127 -41.46 -10.71 -29.29
N SER A 128 -42.02 -11.63 -28.51
CA SER A 128 -42.78 -11.30 -27.29
C SER A 128 -41.92 -11.06 -26.06
N ILE A 129 -40.61 -11.22 -26.17
CA ILE A 129 -39.74 -10.86 -25.06
C ILE A 129 -39.45 -9.37 -25.17
N ASP A 130 -39.89 -8.61 -24.17
CA ASP A 130 -39.63 -7.17 -24.09
C ASP A 130 -38.15 -6.87 -24.33
N PRO A 131 -37.84 -5.99 -25.30
CA PRO A 131 -36.44 -5.68 -25.60
C PRO A 131 -35.59 -5.35 -24.37
N ASN A 132 -36.16 -4.66 -23.38
CA ASN A 132 -35.42 -4.28 -22.17
C ASN A 132 -35.19 -5.43 -21.18
N GLN A 133 -35.75 -6.61 -21.49
CA GLN A 133 -35.61 -7.78 -20.64
C GLN A 133 -34.98 -8.94 -21.39
N ARG A 134 -34.32 -8.65 -22.51
CA ARG A 134 -33.62 -9.70 -23.25
C ARG A 134 -32.24 -9.97 -22.62
N ILE A 135 -32.30 -10.64 -21.46
CA ILE A 135 -31.21 -10.73 -20.51
C ILE A 135 -30.29 -11.87 -20.84
N VAL A 136 -29.00 -11.54 -21.01
CA VAL A 136 -27.96 -12.53 -21.26
C VAL A 136 -26.86 -12.42 -20.23
N ALA A 137 -26.60 -13.53 -19.54
CA ALA A 137 -25.50 -13.60 -18.59
C ALA A 137 -24.30 -14.20 -19.29
N ILE A 138 -23.14 -13.59 -19.05
CA ILE A 138 -21.85 -14.09 -19.53
C ILE A 138 -20.96 -14.28 -18.31
N TYR A 139 -20.46 -15.50 -18.10
CA TYR A 139 -19.84 -15.87 -16.83
C TYR A 139 -18.76 -16.90 -17.09
N THR A 140 -17.86 -17.02 -16.13
CA THR A 140 -16.86 -18.06 -16.14
C THR A 140 -17.42 -19.35 -15.56
N ASN A 141 -17.30 -20.44 -16.32
CA ASN A 141 -17.66 -21.77 -15.84
C ASN A 141 -16.39 -22.45 -15.34
N ASN A 142 -16.36 -22.72 -14.04
CA ASN A 142 -15.18 -23.27 -13.42
C ASN A 142 -15.35 -24.76 -13.22
N ILE A 143 -14.52 -25.53 -13.92
CA ILE A 143 -14.48 -26.96 -13.75
C ILE A 143 -13.02 -27.37 -13.45
N PRO A 144 -12.79 -28.60 -12.94
CA PRO A 144 -11.41 -28.96 -12.64
C PRO A 144 -10.51 -28.72 -13.85
N ASP A 145 -9.35 -28.10 -13.62
CA ASP A 145 -8.37 -27.80 -14.68
C ASP A 145 -8.83 -26.95 -15.86
N ASN A 146 -10.01 -26.34 -15.77
CA ASN A 146 -10.55 -25.53 -16.87
C ASN A 146 -11.43 -24.36 -16.42
N GLN A 147 -11.13 -23.17 -16.94
CA GLN A 147 -12.02 -22.02 -16.81
C GLN A 147 -12.37 -21.52 -18.20
N THR A 148 -13.64 -21.54 -18.55
CA THR A 148 -14.10 -21.02 -19.85
C THR A 148 -15.11 -19.90 -19.65
N GLN A 149 -15.42 -19.19 -20.74
CA GLN A 149 -16.51 -18.20 -20.71
C GLN A 149 -17.73 -18.78 -21.41
N ASP A 150 -18.84 -18.77 -20.69
CA ASP A 150 -20.10 -19.38 -21.14
C ASP A 150 -21.22 -18.35 -21.06
N ILE A 151 -22.32 -18.62 -21.76
CA ILE A 151 -23.47 -17.73 -21.72
C ILE A 151 -24.79 -18.46 -21.42
N ALA A 152 -25.73 -17.72 -20.83
CA ALA A 152 -27.09 -18.22 -20.57
C ALA A 152 -28.07 -17.09 -20.79
N PHE A 153 -29.30 -17.42 -21.14
CA PHE A 153 -30.33 -16.40 -21.33
C PHE A 153 -31.55 -16.62 -20.43
N SER A 154 -32.17 -15.52 -20.03
CA SER A 154 -33.37 -15.56 -19.19
C SER A 154 -34.60 -15.05 -19.94
N LEU A 155 -35.69 -15.82 -19.88
CA LEU A 155 -36.94 -15.46 -20.55
C LEU A 155 -38.01 -14.96 -19.59
N ASP A 156 -37.69 -14.90 -18.30
CA ASP A 156 -38.67 -14.52 -17.28
C ASP A 156 -38.28 -13.28 -16.47
N GLY A 157 -37.45 -12.42 -17.05
CA GLY A 157 -37.05 -11.18 -16.37
C GLY A 157 -35.80 -11.29 -15.49
N GLY A 158 -35.11 -12.42 -15.56
CA GLY A 158 -33.83 -12.58 -14.89
C GLY A 158 -33.81 -13.53 -13.70
N TYR A 159 -34.88 -14.30 -13.53
CA TYR A 159 -35.00 -15.18 -12.36
C TYR A 159 -34.55 -16.61 -12.63
N THR A 160 -34.76 -17.09 -13.86
CA THR A 160 -34.26 -18.39 -14.28
C THR A 160 -33.51 -18.25 -15.61
N PHE A 161 -32.61 -19.19 -15.87
CA PHE A 161 -31.78 -19.15 -17.06
C PHE A 161 -31.68 -20.49 -17.81
N THR A 162 -31.49 -20.38 -19.12
CA THR A 162 -31.17 -21.52 -19.94
C THR A 162 -29.74 -21.31 -20.47
N LYS A 163 -28.88 -22.28 -20.19
CA LYS A 163 -27.50 -22.25 -20.66
C LYS A 163 -27.48 -22.45 -22.17
N TYR A 164 -26.57 -21.76 -22.85
CA TYR A 164 -26.46 -21.87 -24.30
C TYR A 164 -26.06 -23.28 -24.67
N GLU A 165 -26.75 -23.83 -25.67
CA GLU A 165 -26.47 -25.16 -26.23
C GLU A 165 -24.99 -25.45 -26.56
N ASN A 166 -24.27 -24.44 -27.04
CA ASN A 166 -22.90 -24.63 -27.53
C ASN A 166 -21.82 -23.96 -26.68
N ASN A 167 -22.10 -23.80 -25.38
CA ASN A 167 -21.10 -23.44 -24.40
C ASN A 167 -19.96 -24.46 -24.43
N PRO A 168 -18.70 -24.02 -24.26
CA PRO A 168 -18.29 -22.64 -23.97
C PRO A 168 -18.29 -21.73 -25.19
N VAL A 169 -18.38 -20.42 -24.96
CA VAL A 169 -18.25 -19.48 -26.07
C VAL A 169 -16.78 -19.08 -26.29
N ILE A 170 -15.98 -19.14 -25.22
CA ILE A 170 -14.53 -18.97 -25.32
C ILE A 170 -13.81 -20.00 -24.45
N ASP A 171 -12.93 -20.77 -25.09
CA ASP A 171 -12.05 -21.68 -24.36
C ASP A 171 -10.64 -21.53 -24.91
N VAL A 172 -9.70 -21.12 -24.05
CA VAL A 172 -8.30 -20.97 -24.45
C VAL A 172 -7.45 -22.03 -23.77
N SER A 173 -8.12 -23.08 -23.29
CA SER A 173 -7.48 -24.22 -22.62
C SER A 173 -6.72 -23.80 -21.38
N SER A 174 -7.33 -22.95 -20.57
CA SER A 174 -6.65 -22.40 -19.42
C SER A 174 -7.42 -22.62 -18.14
N ASN A 175 -6.62 -22.65 -17.10
CA ASN A 175 -6.92 -22.88 -15.72
C ASN A 175 -7.26 -21.56 -15.04
N GLN A 176 -6.84 -20.48 -15.71
CA GLN A 176 -6.70 -19.16 -15.12
C GLN A 176 -7.18 -18.11 -16.14
N PHE A 177 -8.49 -18.06 -16.31
CA PHE A 177 -9.13 -17.33 -17.39
C PHE A 177 -10.58 -17.11 -16.98
N ARG A 178 -10.86 -15.92 -16.44
CA ARG A 178 -12.10 -15.71 -15.68
C ARG A 178 -12.52 -14.24 -15.52
N ASP A 179 -13.81 -14.05 -15.20
CA ASP A 179 -14.43 -12.76 -14.82
C ASP A 179 -14.72 -11.82 -15.99
N PRO A 180 -15.64 -12.21 -16.90
CA PRO A 180 -15.90 -11.33 -18.04
C PRO A 180 -16.83 -10.18 -17.69
N LYS A 181 -16.44 -8.98 -18.11
CA LYS A 181 -17.36 -7.84 -18.10
C LYS A 181 -17.64 -7.50 -19.55
N VAL A 182 -18.90 -7.65 -19.95
CA VAL A 182 -19.28 -7.37 -21.34
C VAL A 182 -20.20 -6.16 -21.49
N PHE A 183 -20.00 -5.41 -22.58
CA PHE A 183 -20.79 -4.21 -22.88
C PHE A 183 -20.89 -3.96 -24.38
N TRP A 184 -21.99 -3.32 -24.78
CA TRP A 184 -22.13 -2.94 -26.18
C TRP A 184 -21.28 -1.70 -26.46
N HIS A 185 -20.51 -1.75 -27.54
CA HIS A 185 -19.71 -0.60 -27.92
C HIS A 185 -20.21 -0.04 -29.28
N GLU A 186 -20.99 1.03 -29.19
CA GLU A 186 -21.62 1.63 -30.38
C GLU A 186 -20.61 1.97 -31.48
N ASP A 187 -19.58 2.75 -31.12
CA ASP A 187 -18.58 3.23 -32.10
C ASP A 187 -17.86 2.18 -32.92
N SER A 188 -17.72 0.95 -32.41
CA SER A 188 -17.09 -0.12 -33.21
C SER A 188 -18.11 -1.22 -33.51
N ASN A 189 -19.36 -0.97 -33.12
CA ASN A 189 -20.50 -1.81 -33.47
C ASN A 189 -20.35 -3.28 -33.09
N GLN A 190 -19.96 -3.54 -31.83
CA GLN A 190 -19.78 -4.91 -31.37
C GLN A 190 -19.95 -5.01 -29.87
N TRP A 191 -20.11 -6.24 -29.40
CA TRP A 191 -20.01 -6.52 -27.99
C TRP A 191 -18.54 -6.54 -27.63
N ILE A 192 -18.18 -5.95 -26.48
CA ILE A 192 -16.82 -6.02 -25.94
C ILE A 192 -16.82 -6.84 -24.65
N MET A 193 -15.82 -7.71 -24.53
CA MET A 193 -15.54 -8.41 -23.30
C MET A 193 -14.16 -8.03 -22.81
N VAL A 194 -14.07 -7.59 -21.56
CA VAL A 194 -12.80 -7.63 -20.86
C VAL A 194 -12.81 -8.82 -19.91
N VAL A 195 -11.73 -9.58 -19.92
CA VAL A 195 -11.64 -10.78 -19.09
C VAL A 195 -10.19 -10.92 -18.65
N SER A 196 -9.95 -11.52 -17.48
CA SER A 196 -8.58 -11.67 -17.02
C SER A 196 -7.95 -12.98 -17.44
N LYS A 197 -6.74 -12.90 -17.97
CA LYS A 197 -5.86 -14.04 -18.09
C LYS A 197 -5.00 -13.92 -16.86
N SER A 198 -5.56 -14.42 -15.77
CA SER A 198 -5.19 -14.02 -14.41
C SER A 198 -3.71 -14.06 -14.07
N GLN A 199 -3.07 -15.18 -14.37
CA GLN A 199 -1.70 -15.34 -13.93
C GLN A 199 -0.67 -14.88 -14.96
N GLU A 200 -1.14 -14.49 -16.14
CA GLU A 200 -0.29 -13.86 -17.16
C GLU A 200 -0.28 -12.34 -16.98
N TYR A 201 -1.07 -11.86 -16.03
CA TYR A 201 -1.18 -10.42 -15.78
C TYR A 201 -1.57 -9.67 -17.05
N LYS A 202 -2.61 -10.16 -17.73
CA LYS A 202 -3.15 -9.49 -18.90
C LYS A 202 -4.63 -9.32 -18.75
N ILE A 203 -5.10 -8.11 -19.05
CA ILE A 203 -6.50 -7.92 -19.31
C ILE A 203 -6.69 -8.19 -20.81
N GLN A 204 -7.52 -9.16 -21.15
CA GLN A 204 -7.75 -9.54 -22.55
C GLN A 204 -9.03 -8.93 -23.06
N ILE A 205 -8.96 -8.32 -24.25
CA ILE A 205 -10.12 -7.62 -24.81
C ILE A 205 -10.60 -8.33 -26.05
N PHE A 206 -11.79 -8.94 -25.95
CA PHE A 206 -12.44 -9.64 -27.05
C PHE A 206 -13.61 -8.84 -27.64
N GLY A 207 -13.98 -9.17 -28.89
CA GLY A 207 -15.11 -8.54 -29.59
C GLY A 207 -16.01 -9.59 -30.19
N SER A 208 -17.31 -9.31 -30.29
CA SER A 208 -18.28 -10.25 -30.86
C SER A 208 -19.51 -9.53 -31.40
N ALA A 209 -20.07 -10.08 -32.48
CA ALA A 209 -21.31 -9.55 -33.06
C ALA A 209 -22.53 -10.18 -32.38
N ASN A 210 -22.22 -11.20 -31.59
CA ASN A 210 -23.02 -12.38 -31.43
C ASN A 210 -23.34 -12.73 -29.99
N LEU A 211 -22.36 -12.46 -29.13
CA LEU A 211 -22.26 -12.98 -27.77
C LEU A 211 -21.82 -14.44 -27.78
N LYS A 212 -21.74 -15.04 -28.96
CA LYS A 212 -21.40 -16.46 -29.07
C LYS A 212 -19.99 -16.71 -29.61
N ASN A 213 -19.61 -15.94 -30.64
CA ASN A 213 -18.33 -16.10 -31.32
C ASN A 213 -17.49 -14.85 -31.08
N TRP A 214 -16.31 -15.06 -30.51
CA TRP A 214 -15.48 -13.96 -30.05
C TRP A 214 -14.11 -13.97 -30.72
N VAL A 215 -13.56 -12.77 -30.90
CA VAL A 215 -12.23 -12.56 -31.44
C VAL A 215 -11.40 -11.74 -30.44
N LEU A 216 -10.17 -12.19 -30.17
CA LEU A 216 -9.23 -11.47 -29.29
C LEU A 216 -8.56 -10.30 -29.99
N ASN A 217 -8.84 -9.09 -29.48
CA ASN A 217 -8.40 -7.85 -30.12
C ASN A 217 -7.12 -7.24 -29.49
N SER A 218 -6.96 -7.35 -28.17
CA SER A 218 -5.75 -6.86 -27.48
C SER A 218 -5.54 -7.40 -26.06
N ASN A 219 -4.31 -7.24 -25.57
CA ASN A 219 -3.91 -7.54 -24.19
C ASN A 219 -3.45 -6.26 -23.51
N PHE A 220 -3.86 -6.06 -22.26
CA PHE A 220 -3.37 -4.91 -21.49
C PHE A 220 -2.73 -5.33 -20.18
N SER A 221 -1.55 -4.77 -19.92
CA SER A 221 -0.76 -5.07 -18.74
C SER A 221 -0.15 -3.83 -18.14
N SER A 222 -0.44 -3.57 -16.87
CA SER A 222 0.08 -2.39 -16.21
C SER A 222 -0.22 -2.41 -14.71
N GLY A 223 0.18 -1.34 -14.03
CA GLY A 223 -0.24 -1.11 -12.65
C GLY A 223 0.46 -1.97 -11.64
N TYR A 224 -0.27 -2.31 -10.58
CA TYR A 224 0.27 -3.12 -9.50
C TYR A 224 -0.17 -4.54 -9.78
N TYR A 225 0.80 -5.38 -10.13
CA TYR A 225 0.55 -6.79 -10.48
C TYR A 225 0.37 -7.37 -9.12
N GLY A 226 -0.36 -8.36 -8.81
CA GLY A 226 -0.03 -8.75 -7.41
C GLY A 226 0.43 -10.14 -7.63
N ASN A 227 -0.33 -11.03 -7.05
CA ASN A 227 -0.26 -12.41 -7.42
C ASN A 227 -0.96 -12.64 -8.78
N GLN A 228 -2.01 -11.86 -9.08
CA GLN A 228 -3.06 -12.25 -10.07
C GLN A 228 -3.92 -11.08 -10.50
N TYR A 229 -4.27 -11.02 -11.80
CA TYR A 229 -5.29 -10.09 -12.30
C TYR A 229 -6.68 -10.72 -12.20
N GLU A 230 -7.67 -9.95 -11.75
CA GLU A 230 -9.04 -10.45 -11.67
C GLU A 230 -10.03 -9.32 -11.97
N CYS A 231 -11.27 -9.71 -12.22
CA CYS A 231 -12.42 -8.81 -12.28
C CYS A 231 -12.14 -7.52 -13.05
N PRO A 232 -11.75 -7.62 -14.33
CA PRO A 232 -11.56 -6.37 -15.04
C PRO A 232 -12.90 -5.67 -15.32
N GLY A 233 -12.85 -4.37 -15.58
CA GLY A 233 -14.01 -3.61 -16.05
C GLY A 233 -13.49 -2.53 -16.97
N LEU A 234 -14.35 -2.03 -17.85
CA LEU A 234 -13.98 -0.97 -18.80
C LEU A 234 -15.22 -0.23 -19.21
N ILE A 235 -15.23 1.07 -18.96
CA ILE A 235 -16.44 1.88 -19.07
C ILE A 235 -16.07 3.36 -19.24
N GLU A 236 -16.96 4.07 -19.92
CA GLU A 236 -16.80 5.48 -20.17
C GLU A 236 -17.36 6.24 -18.96
N VAL A 237 -16.49 6.98 -18.30
CA VAL A 237 -16.84 7.74 -17.11
C VAL A 237 -16.86 9.24 -17.44
N PRO A 238 -17.92 9.97 -17.00
CA PRO A 238 -18.02 11.39 -17.33
C PRO A 238 -17.06 12.26 -16.52
N ILE A 239 -16.52 13.29 -17.18
CA ILE A 239 -15.70 14.30 -16.50
C ILE A 239 -16.65 15.35 -15.97
N GLU A 240 -16.54 15.68 -14.69
CA GLU A 240 -17.41 16.68 -14.06
C GLU A 240 -17.38 18.03 -14.75
N ASN A 241 -18.56 18.67 -14.82
CA ASN A 241 -18.73 20.01 -15.40
C ASN A 241 -18.15 20.12 -16.80
N SER A 242 -18.57 19.20 -17.66
CA SER A 242 -18.06 19.12 -19.01
C SER A 242 -18.86 18.13 -19.87
N ASP A 243 -18.64 18.23 -21.18
CA ASP A 243 -19.20 17.35 -22.18
C ASP A 243 -18.34 16.10 -22.40
N LYS A 244 -17.14 16.10 -21.82
CA LYS A 244 -16.12 15.14 -22.16
C LYS A 244 -16.14 13.95 -21.22
N SER A 245 -15.52 12.85 -21.65
CA SER A 245 -15.37 11.67 -20.82
C SER A 245 -14.00 11.04 -21.06
N LYS A 246 -13.67 10.04 -20.26
CA LYS A 246 -12.53 9.18 -20.48
C LYS A 246 -12.96 7.76 -20.28
N TRP A 247 -12.26 6.82 -20.91
CA TRP A 247 -12.44 5.41 -20.60
C TRP A 247 -11.59 5.06 -19.38
N VAL A 248 -12.20 4.35 -18.44
CA VAL A 248 -11.53 3.88 -17.25
C VAL A 248 -11.50 2.36 -17.26
N MET A 249 -10.31 1.79 -17.12
CA MET A 249 -10.17 0.34 -16.99
C MET A 249 -9.98 -0.01 -15.51
N PHE A 250 -10.86 -0.87 -15.00
CA PHE A 250 -10.79 -1.33 -13.62
C PHE A 250 -10.14 -2.68 -13.57
N LEU A 251 -9.41 -2.94 -12.50
CA LEU A 251 -8.65 -4.18 -12.35
C LEU A 251 -8.55 -4.58 -10.88
N ALA A 252 -8.90 -5.82 -10.58
CA ALA A 252 -8.78 -6.29 -9.21
C ALA A 252 -7.53 -7.18 -9.10
N ILE A 253 -6.82 -7.08 -7.99
CA ILE A 253 -5.71 -7.99 -7.74
C ILE A 253 -5.82 -8.62 -6.35
N ASN A 254 -5.56 -9.92 -6.27
CA ASN A 254 -5.48 -10.64 -5.01
C ASN A 254 -4.80 -11.96 -5.25
N PRO A 255 -3.95 -12.42 -4.30
CA PRO A 255 -3.37 -11.64 -3.19
C PRO A 255 -2.30 -10.67 -3.70
N GLY A 256 -1.60 -9.99 -2.78
CA GLY A 256 -0.47 -9.16 -3.17
C GLY A 256 -0.74 -7.67 -3.22
N SER A 257 -1.92 -7.25 -2.80
CA SER A 257 -2.15 -5.82 -2.57
C SER A 257 -1.08 -5.26 -1.64
N PRO A 258 -0.57 -4.03 -1.92
CA PRO A 258 0.41 -3.41 -1.04
C PRO A 258 -0.18 -3.13 0.34
N LEU A 259 -1.51 -3.12 0.44
CA LEU A 259 -2.18 -2.99 1.73
C LEU A 259 -2.38 -4.37 2.37
N GLY A 260 -2.01 -5.43 1.66
CA GLY A 260 -2.27 -6.79 2.10
C GLY A 260 -3.56 -7.33 1.51
N GLY A 261 -3.46 -8.43 0.77
CA GLY A 261 -4.62 -9.16 0.35
C GLY A 261 -5.19 -8.64 -0.94
N SER A 262 -6.45 -8.22 -0.90
CA SER A 262 -7.17 -7.85 -2.11
C SER A 262 -7.38 -6.35 -2.18
N ILE A 263 -7.21 -5.80 -3.38
CA ILE A 263 -7.49 -4.39 -3.64
C ILE A 263 -7.93 -4.20 -5.11
N ASN A 264 -8.66 -3.11 -5.38
CA ASN A 264 -9.09 -2.74 -6.74
C ASN A 264 -8.33 -1.50 -7.21
N GLN A 265 -7.86 -1.54 -8.47
CA GLN A 265 -7.16 -0.39 -9.07
C GLN A 265 -7.79 0.07 -10.38
N TYR A 266 -7.31 1.20 -10.89
CA TYR A 266 -7.84 1.75 -12.15
C TYR A 266 -6.80 2.45 -13.01
N PHE A 267 -7.18 2.71 -14.26
CA PHE A 267 -6.37 3.43 -15.23
C PHE A 267 -7.30 4.28 -16.06
N VAL A 268 -6.83 5.48 -16.44
CA VAL A 268 -7.61 6.44 -17.20
C VAL A 268 -6.98 6.62 -18.59
N GLY A 269 -7.83 6.60 -19.62
CA GLY A 269 -7.33 6.69 -20.99
C GLY A 269 -8.43 6.69 -22.01
N ASP A 270 -8.18 6.01 -23.12
CA ASP A 270 -9.05 6.01 -24.30
C ASP A 270 -9.20 4.59 -24.82
N PHE A 271 -10.30 4.35 -25.52
CA PHE A 271 -10.64 3.02 -26.03
C PHE A 271 -11.32 3.19 -27.38
N ASP A 272 -10.89 2.41 -28.37
CA ASP A 272 -11.44 2.52 -29.72
C ASP A 272 -12.26 1.28 -30.12
N GLY A 273 -12.52 0.40 -29.15
CA GLY A 273 -13.23 -0.84 -29.44
C GLY A 273 -12.27 -2.00 -29.56
N PHE A 274 -10.97 -1.72 -29.58
CA PHE A 274 -9.98 -2.73 -29.88
C PHE A 274 -8.81 -2.76 -28.89
N GLN A 275 -8.27 -1.59 -28.55
CA GLN A 275 -7.25 -1.52 -27.52
C GLN A 275 -7.48 -0.34 -26.58
N PHE A 276 -7.03 -0.51 -25.34
CA PHE A 276 -7.14 0.54 -24.34
C PHE A 276 -5.78 1.20 -24.16
N VAL A 277 -5.76 2.53 -24.25
CA VAL A 277 -4.52 3.30 -24.17
C VAL A 277 -4.61 4.27 -23.00
N PRO A 278 -3.82 4.01 -21.93
CA PRO A 278 -3.93 4.87 -20.77
C PRO A 278 -3.25 6.20 -21.05
N ASP A 279 -3.71 7.27 -20.39
CA ASP A 279 -3.13 8.59 -20.59
C ASP A 279 -1.75 8.74 -19.98
N ASP A 280 -1.47 7.95 -18.94
CA ASP A 280 -0.17 7.94 -18.29
C ASP A 280 0.07 6.51 -17.84
N SER A 281 1.16 6.27 -17.13
CA SER A 281 1.43 4.91 -16.66
C SER A 281 1.44 4.80 -15.13
N GLN A 282 0.69 5.67 -14.46
CA GLN A 282 0.64 5.66 -13.00
C GLN A 282 -0.30 4.59 -12.45
N THR A 283 -0.03 4.19 -11.20
CA THR A 283 -0.84 3.23 -10.49
C THR A 283 -1.69 3.99 -9.49
N ARG A 284 -2.99 3.69 -9.47
CA ARG A 284 -3.94 4.28 -8.49
C ARG A 284 -5.00 3.28 -8.04
N PHE A 285 -5.36 3.30 -6.76
CA PHE A 285 -6.39 2.38 -6.26
C PHE A 285 -7.76 3.05 -6.17
N VAL A 286 -8.80 2.25 -6.39
CA VAL A 286 -10.16 2.75 -6.39
C VAL A 286 -10.58 3.14 -4.98
N ASP A 287 -10.21 2.32 -4.03
CA ASP A 287 -10.59 2.52 -2.64
C ASP A 287 -9.39 2.01 -1.83
N ILE A 288 -8.88 2.85 -0.94
CA ILE A 288 -7.68 2.52 -0.17
C ILE A 288 -7.99 2.09 1.24
N GLY A 289 -9.18 1.56 1.45
CA GLY A 289 -9.43 0.79 2.65
C GLY A 289 -9.07 -0.65 2.36
N LYS A 290 -9.22 -1.48 3.38
CA LYS A 290 -8.78 -2.83 3.29
C LYS A 290 -9.85 -3.72 2.63
N ASP A 291 -11.09 -3.22 2.51
CA ASP A 291 -12.30 -4.03 2.28
C ASP A 291 -13.19 -3.61 1.10
N PHE A 292 -12.59 -3.55 -0.08
CA PHE A 292 -13.35 -3.14 -1.28
C PHE A 292 -12.78 -3.92 -2.49
N TYR A 293 -13.48 -4.97 -2.90
CA TYR A 293 -12.91 -5.87 -3.91
C TYR A 293 -13.89 -6.36 -4.97
N ALA A 294 -13.36 -6.65 -6.15
CA ALA A 294 -14.15 -7.21 -7.26
C ALA A 294 -15.28 -6.25 -7.62
N PHE A 295 -14.92 -4.98 -7.76
CA PHE A 295 -15.80 -3.95 -8.25
C PHE A 295 -16.35 -4.24 -9.64
N GLN A 296 -17.66 -4.09 -9.80
CA GLN A 296 -18.34 -4.20 -11.08
C GLN A 296 -19.35 -3.05 -11.22
N THR A 297 -19.56 -2.59 -12.45
CA THR A 297 -20.56 -1.54 -12.74
C THR A 297 -21.86 -2.15 -13.26
N PHE A 298 -22.95 -1.43 -13.02
CA PHE A 298 -24.28 -1.84 -13.50
C PHE A 298 -24.42 -1.56 -14.99
N SER A 299 -24.92 -2.55 -15.73
CA SER A 299 -25.37 -2.33 -17.10
C SER A 299 -26.73 -1.64 -17.15
N GLU A 300 -27.02 -1.00 -18.28
CA GLU A 300 -28.26 -0.25 -18.53
C GLU A 300 -28.52 0.96 -17.59
N VAL A 301 -27.43 1.62 -17.15
CA VAL A 301 -27.56 2.88 -16.42
C VAL A 301 -27.57 4.03 -17.44
N GLU A 302 -28.66 4.78 -17.51
CA GLU A 302 -28.62 6.01 -18.29
C GLU A 302 -28.25 7.10 -17.27
N HIS A 303 -27.37 8.01 -17.68
CA HIS A 303 -26.84 9.02 -16.76
C HIS A 303 -25.82 8.45 -15.77
N GLY A 304 -24.56 8.53 -16.16
CA GLY A 304 -23.46 8.24 -15.27
C GLY A 304 -23.05 6.78 -15.19
N VAL A 305 -22.21 6.51 -14.19
CA VAL A 305 -21.65 5.20 -13.97
C VAL A 305 -21.89 4.85 -12.52
N LEU A 306 -22.57 3.73 -12.33
CA LEU A 306 -22.82 3.23 -10.99
C LEU A 306 -22.19 1.85 -10.87
N GLY A 307 -21.63 1.57 -9.69
CA GLY A 307 -21.10 0.25 -9.39
C GLY A 307 -21.02 -0.05 -7.91
N LEU A 308 -20.71 -1.30 -7.59
CA LEU A 308 -20.47 -1.68 -6.20
C LEU A 308 -19.42 -2.79 -6.15
N ALA A 309 -18.87 -3.02 -4.96
CA ALA A 309 -17.92 -4.11 -4.76
C ALA A 309 -18.37 -5.09 -3.67
N TRP A 310 -17.60 -6.16 -3.50
CA TRP A 310 -17.67 -7.02 -2.34
C TRP A 310 -16.85 -6.38 -1.20
N ALA A 311 -17.50 -6.16 -0.06
CA ALA A 311 -16.92 -5.36 1.03
C ALA A 311 -16.20 -6.19 2.10
N SER A 312 -15.21 -6.94 1.66
CA SER A 312 -14.33 -7.62 2.57
C SER A 312 -12.98 -7.80 1.89
N ASN A 313 -12.06 -8.50 2.56
CA ASN A 313 -10.73 -8.78 2.04
C ASN A 313 -10.49 -10.28 2.10
N TRP A 314 -10.02 -10.87 1.01
CA TRP A 314 -9.74 -12.31 0.96
C TRP A 314 -8.87 -12.87 2.09
N GLN A 315 -8.02 -12.05 2.69
CA GLN A 315 -7.18 -12.51 3.79
C GLN A 315 -7.97 -13.08 4.97
N TYR A 316 -9.12 -12.48 5.30
CA TYR A 316 -9.86 -12.81 6.50
C TYR A 316 -11.39 -12.93 6.33
N ALA A 317 -11.87 -12.70 5.12
CA ALA A 317 -13.32 -12.65 4.83
C ALA A 317 -14.13 -13.84 5.34
N ASP A 318 -13.52 -15.02 5.35
CA ASP A 318 -14.20 -16.25 5.76
C ASP A 318 -14.05 -16.55 7.26
N GLN A 319 -13.54 -15.59 8.04
CA GLN A 319 -13.27 -15.83 9.47
C GLN A 319 -13.89 -14.78 10.39
N VAL A 320 -14.45 -13.72 9.79
CA VAL A 320 -15.06 -12.66 10.59
C VAL A 320 -16.29 -13.23 11.35
N PRO A 321 -16.59 -12.69 12.56
CA PRO A 321 -17.63 -13.30 13.40
C PRO A 321 -19.06 -12.85 13.06
N THR A 322 -19.55 -13.24 11.88
CA THR A 322 -20.95 -13.11 11.53
C THR A 322 -21.50 -14.50 11.28
N ASN A 323 -22.80 -14.68 11.51
CA ASN A 323 -23.51 -15.95 11.31
C ASN A 323 -25.00 -15.62 11.37
N PRO A 324 -25.84 -16.26 10.54
CA PRO A 324 -25.59 -17.39 9.64
C PRO A 324 -25.10 -17.04 8.22
N TRP A 325 -24.66 -15.79 8.00
CA TRP A 325 -24.09 -15.36 6.72
C TRP A 325 -22.68 -14.77 6.90
N ARG A 326 -21.97 -14.67 5.78
CA ARG A 326 -20.76 -13.85 5.72
C ARG A 326 -20.77 -12.94 4.49
N SER A 327 -20.40 -11.69 4.70
CA SER A 327 -20.15 -10.69 3.63
C SER A 327 -21.34 -9.84 3.30
N SER A 328 -21.05 -8.57 3.00
CA SER A 328 -21.98 -7.67 2.37
C SER A 328 -21.30 -7.06 1.15
N THR A 329 -22.09 -6.45 0.29
CA THR A 329 -21.59 -5.56 -0.74
C THR A 329 -21.33 -4.20 -0.10
N SER A 330 -20.63 -3.31 -0.84
CA SER A 330 -20.54 -1.91 -0.47
C SER A 330 -21.86 -1.28 -0.84
N LEU A 331 -22.06 -0.02 -0.48
CA LEU A 331 -23.16 0.70 -1.09
C LEU A 331 -22.89 0.84 -2.59
N ALA A 332 -23.94 1.07 -3.38
CA ALA A 332 -23.75 1.47 -4.76
C ALA A 332 -23.17 2.88 -4.73
N ARG A 333 -22.26 3.16 -5.67
CA ARG A 333 -21.58 4.44 -5.74
C ARG A 333 -21.63 5.01 -7.14
N ASN A 334 -21.58 6.34 -7.22
CA ASN A 334 -21.64 7.10 -8.46
C ASN A 334 -20.23 7.56 -8.85
N TYR A 335 -19.80 7.18 -10.05
CA TYR A 335 -18.43 7.43 -10.51
C TYR A 335 -18.26 8.56 -11.51
N THR A 336 -17.38 9.50 -11.18
CA THR A 336 -17.07 10.63 -12.06
C THR A 336 -15.57 10.84 -12.09
N LEU A 337 -15.12 11.70 -13.01
CA LEU A 337 -13.72 12.14 -13.04
C LEU A 337 -13.62 13.65 -12.75
N ARG A 338 -12.61 14.04 -11.98
CA ARG A 338 -12.41 15.44 -11.58
C ARG A 338 -10.93 15.80 -11.50
N TYR A 339 -10.55 16.98 -12.02
CA TYR A 339 -9.20 17.52 -11.82
C TYR A 339 -9.01 17.95 -10.37
N VAL A 340 -8.16 17.24 -9.63
CA VAL A 340 -7.89 17.62 -8.23
C VAL A 340 -6.40 17.78 -7.98
N HIS A 341 -6.07 18.64 -7.02
CA HIS A 341 -4.70 18.83 -6.60
C HIS A 341 -4.21 17.59 -5.86
N THR A 342 -3.10 17.03 -6.32
CA THR A 342 -2.47 15.92 -5.63
C THR A 342 -1.25 16.46 -4.86
N ASN A 343 -0.76 17.63 -5.29
CA ASN A 343 0.15 18.45 -4.49
C ASN A 343 -0.21 19.92 -4.72
N ALA A 344 0.56 20.84 -4.13
CA ALA A 344 0.22 22.28 -4.19
C ALA A 344 0.28 22.82 -5.62
N GLU A 345 1.18 22.27 -6.44
CA GLU A 345 1.41 22.77 -7.82
C GLU A 345 0.50 22.13 -8.84
N THR A 346 0.21 20.84 -8.67
CA THR A 346 -0.28 20.00 -9.77
C THR A 346 -1.64 19.36 -9.50
N LYS A 347 -2.51 19.42 -10.51
CA LYS A 347 -3.78 18.69 -10.51
C LYS A 347 -3.65 17.47 -11.40
N GLN A 348 -4.43 16.43 -11.10
CA GLN A 348 -4.52 15.22 -11.92
C GLN A 348 -5.99 14.94 -12.12
N LEU A 349 -6.34 14.43 -13.30
CA LEU A 349 -7.69 13.92 -13.51
C LEU A 349 -7.84 12.62 -12.72
N THR A 350 -8.75 12.64 -11.76
CA THR A 350 -8.80 11.63 -10.70
C THR A 350 -10.20 11.00 -10.60
N LEU A 351 -10.27 9.70 -10.28
CA LEU A 351 -11.56 9.02 -10.10
C LEU A 351 -12.23 9.45 -8.80
N ILE A 352 -13.42 10.03 -8.94
CA ILE A 352 -14.25 10.43 -7.79
C ILE A 352 -15.40 9.43 -7.64
N GLN A 353 -15.75 9.14 -6.39
CA GLN A 353 -16.93 8.34 -6.09
C GLN A 353 -17.69 8.86 -4.88
N ASN A 354 -19.02 8.81 -4.96
CA ASN A 354 -19.91 9.21 -3.87
C ASN A 354 -21.05 8.21 -3.73
N PRO A 355 -21.51 7.98 -2.50
CA PRO A 355 -22.48 6.90 -2.28
C PRO A 355 -23.88 7.21 -2.81
N VAL A 356 -24.60 6.19 -3.25
CA VAL A 356 -26.00 6.35 -3.65
C VAL A 356 -26.89 6.07 -2.45
N LEU A 357 -27.54 7.13 -1.96
CA LEU A 357 -28.48 7.05 -0.86
C LEU A 357 -29.76 7.78 -1.23
N PRO A 358 -30.81 7.02 -1.58
CA PRO A 358 -32.07 7.61 -2.03
C PRO A 358 -32.84 8.27 -0.87
N ASP A 359 -33.91 8.99 -1.20
CA ASP A 359 -34.73 9.64 -0.15
C ASP A 359 -35.68 8.67 0.55
N SER A 360 -35.80 7.46 0.01
CA SER A 360 -36.47 6.35 0.70
C SER A 360 -35.71 5.88 1.96
N ILE A 361 -34.73 6.65 2.43
CA ILE A 361 -34.10 6.37 3.73
C ILE A 361 -34.66 7.29 4.81
N ASN A 362 -35.16 6.68 5.88
CA ASN A 362 -35.68 7.44 7.01
C ASN A 362 -34.56 7.99 7.86
N VAL A 363 -34.66 9.28 8.16
CA VAL A 363 -33.83 9.92 9.18
C VAL A 363 -34.63 9.84 10.46
N VAL A 364 -34.09 9.10 11.43
CA VAL A 364 -34.71 8.94 12.72
C VAL A 364 -34.46 10.18 13.57
N ASP A 365 -33.23 10.69 13.51
CA ASP A 365 -32.80 11.87 14.28
C ASP A 365 -31.51 12.42 13.68
N LYS A 366 -31.25 13.69 13.92
CA LYS A 366 -30.04 14.31 13.40
C LYS A 366 -29.49 15.38 14.34
N LEU A 367 -28.17 15.55 14.30
CA LEU A 367 -27.49 16.68 14.92
C LEU A 367 -26.97 17.52 13.77
N LYS A 368 -27.26 18.82 13.82
CA LYS A 368 -26.84 19.74 12.76
C LYS A 368 -26.31 21.02 13.37
N LYS A 369 -25.06 21.35 13.06
CA LYS A 369 -24.39 22.53 13.61
C LYS A 369 -23.61 23.28 12.53
N LYS A 370 -23.47 24.59 12.71
CA LYS A 370 -22.64 25.39 11.82
C LYS A 370 -21.59 26.21 12.55
N ASN A 371 -20.46 26.44 11.88
CA ASN A 371 -19.33 27.22 12.39
C ASN A 371 -18.88 26.96 13.82
N VAL A 372 -18.76 25.70 14.20
CA VAL A 372 -18.34 25.36 15.55
C VAL A 372 -16.82 25.38 15.69
N LYS A 373 -16.33 26.14 16.67
CA LYS A 373 -14.92 26.14 17.01
C LYS A 373 -14.69 24.96 17.95
N LEU A 374 -14.08 23.90 17.45
CA LEU A 374 -13.86 22.71 18.27
C LEU A 374 -12.70 22.95 19.25
N THR A 375 -12.95 22.63 20.53
CA THR A 375 -11.93 22.68 21.57
C THR A 375 -12.22 21.53 22.53
N ASN A 376 -11.25 21.15 23.36
CA ASN A 376 -11.42 19.97 24.20
C ASN A 376 -12.52 20.17 25.24
N LYS A 377 -12.84 21.42 25.52
CA LYS A 377 -13.92 21.71 26.45
C LYS A 377 -15.30 21.72 25.78
N LYS A 378 -15.32 21.87 24.46
CA LYS A 378 -16.57 21.84 23.69
C LYS A 378 -16.64 20.71 22.64
N PRO A 379 -16.73 19.44 23.09
CA PRO A 379 -16.85 18.34 22.12
C PRO A 379 -18.26 18.24 21.53
N ILE A 380 -18.37 17.78 20.28
CA ILE A 380 -19.68 17.46 19.69
C ILE A 380 -20.07 16.05 20.12
N LYS A 381 -21.30 15.91 20.62
CA LYS A 381 -21.81 14.61 21.10
C LYS A 381 -23.24 14.40 20.66
N THR A 382 -23.48 13.31 19.95
CA THR A 382 -24.81 12.89 19.58
C THR A 382 -25.62 12.58 20.84
N ASN A 383 -26.88 12.99 20.84
CA ASN A 383 -27.76 12.72 21.97
C ASN A 383 -29.12 12.24 21.50
N PHE A 384 -29.14 11.05 20.89
CA PHE A 384 -30.37 10.50 20.33
C PHE A 384 -31.02 9.57 21.36
N LYS A 385 -32.32 9.33 21.19
CA LYS A 385 -33.10 8.46 22.08
C LYS A 385 -32.72 6.98 21.94
N GLY A 386 -32.52 6.52 20.69
CA GLY A 386 -32.09 5.16 20.44
C GLY A 386 -31.07 5.08 19.32
N SER A 387 -30.85 3.85 18.84
CA SER A 387 -29.89 3.60 17.78
C SER A 387 -30.32 2.42 16.94
N THR A 388 -30.25 2.59 15.63
CA THR A 388 -30.47 1.50 14.69
C THR A 388 -29.15 0.81 14.37
N GLY A 389 -28.05 1.45 14.73
CA GLY A 389 -26.73 0.97 14.36
C GLY A 389 -26.28 1.49 13.00
N LEU A 390 -27.08 2.34 12.39
CA LEU A 390 -26.79 2.94 11.09
C LEU A 390 -26.72 4.44 11.26
N PHE A 391 -25.56 5.02 10.97
CA PHE A 391 -25.36 6.47 11.03
C PHE A 391 -24.60 6.99 9.83
N ASP A 392 -24.82 8.26 9.51
CA ASP A 392 -23.81 8.96 8.71
C ASP A 392 -23.36 10.27 9.35
N PHE A 393 -22.18 10.74 8.93
CA PHE A 393 -21.63 12.01 9.34
C PHE A 393 -20.99 12.76 8.16
N ASN A 394 -21.19 14.08 8.15
CA ASN A 394 -20.93 14.92 6.99
C ASN A 394 -20.32 16.18 7.56
N ILE A 395 -19.02 16.37 7.34
CA ILE A 395 -18.24 17.48 7.93
C ILE A 395 -17.43 18.25 6.89
N THR A 396 -17.56 19.58 6.92
CA THR A 396 -16.66 20.48 6.19
C THR A 396 -15.89 21.28 7.25
N PHE A 397 -14.57 21.28 7.16
CA PHE A 397 -13.79 21.94 8.21
C PHE A 397 -12.61 22.74 7.68
N LYS A 398 -12.12 23.65 8.51
CA LYS A 398 -11.11 24.61 8.15
C LYS A 398 -10.02 24.52 9.20
N VAL A 399 -8.76 24.55 8.78
CA VAL A 399 -7.64 24.50 9.72
C VAL A 399 -7.18 25.92 10.06
N LEU A 400 -7.22 26.25 11.33
CA LEU A 400 -6.87 27.60 11.77
C LEU A 400 -5.37 27.77 11.94
N ASN A 401 -4.92 29.01 12.08
CA ASN A 401 -3.51 29.28 12.38
C ASN A 401 -3.30 29.33 13.87
N LEU A 402 -2.92 28.20 14.44
CA LEU A 402 -2.67 28.12 15.87
C LEU A 402 -1.51 27.17 16.10
N ASN A 403 -0.44 27.66 16.74
CA ASN A 403 0.67 26.79 17.08
C ASN A 403 0.27 25.97 18.28
N VAL A 404 0.15 24.65 18.07
CA VAL A 404 -0.22 23.73 19.15
C VAL A 404 0.86 22.63 19.27
N SER A 405 0.93 21.95 20.40
CA SER A 405 1.94 20.90 20.59
C SER A 405 1.72 19.71 19.62
N PRO A 406 2.82 19.05 19.16
CA PRO A 406 2.69 18.03 18.11
C PRO A 406 1.62 16.94 18.38
N GLY A 407 1.50 16.51 19.64
CA GLY A 407 0.57 15.45 20.02
C GLY A 407 -0.91 15.80 19.95
N LYS A 408 -1.19 17.04 19.56
CA LYS A 408 -2.55 17.57 19.58
C LYS A 408 -3.01 18.14 18.25
N THR A 409 -2.18 18.03 17.21
CA THR A 409 -2.51 18.58 15.91
C THR A 409 -3.54 17.72 15.15
N HIS A 410 -4.62 17.31 15.85
CA HIS A 410 -5.66 16.44 15.25
C HIS A 410 -7.02 16.59 15.93
N PHE A 411 -8.06 16.11 15.24
CA PHE A 411 -9.35 15.88 15.88
C PHE A 411 -9.86 14.50 15.50
N ASP A 412 -10.81 13.98 16.29
CA ASP A 412 -11.24 12.59 16.12
C ASP A 412 -12.75 12.39 16.22
N ILE A 413 -13.29 11.59 15.32
CA ILE A 413 -14.68 11.15 15.34
C ILE A 413 -14.72 9.76 15.98
N LEU A 414 -15.50 9.64 17.06
CA LEU A 414 -15.60 8.38 17.77
C LEU A 414 -16.95 7.73 17.57
N ILE A 415 -16.92 6.45 17.22
CA ILE A 415 -18.13 5.70 17.01
C ILE A 415 -18.21 4.66 18.11
N ASN A 416 -19.07 4.96 19.09
CA ASN A 416 -19.18 4.17 20.31
C ASN A 416 -20.37 3.24 20.31
N SER A 417 -20.14 2.01 20.77
CA SER A 417 -21.23 1.09 21.04
C SER A 417 -21.92 1.50 22.35
N GLN A 418 -23.00 0.80 22.69
CA GLN A 418 -23.58 0.87 24.01
C GLN A 418 -22.62 0.17 24.96
N GLU A 419 -22.75 0.45 26.27
CA GLU A 419 -21.95 -0.25 27.26
C GLU A 419 -22.52 -1.64 27.54
N LEU A 420 -21.67 -2.67 27.52
CA LEU A 420 -22.13 -4.04 27.81
C LEU A 420 -21.42 -4.75 28.96
N ASN A 421 -20.29 -5.41 28.69
CA ASN A 421 -19.49 -5.99 29.79
C ASN A 421 -18.74 -4.88 30.49
N SER A 422 -19.53 -3.95 31.04
CA SER A 422 -19.07 -2.65 31.54
C SER A 422 -17.92 -2.04 30.72
N SER A 423 -18.02 -2.17 29.39
CA SER A 423 -17.10 -1.50 28.48
C SER A 423 -17.79 -0.98 27.24
N VAL A 424 -17.28 0.13 26.72
CA VAL A 424 -17.72 0.64 25.44
C VAL A 424 -16.66 0.30 24.39
N ASP A 425 -17.12 -0.28 23.28
CA ASP A 425 -16.27 -0.48 22.12
C ASP A 425 -16.35 0.72 21.21
N SER A 426 -15.24 1.06 20.58
CA SER A 426 -15.26 2.16 19.64
C SER A 426 -14.24 2.07 18.51
N ILE A 427 -14.58 2.69 17.40
CA ILE A 427 -13.63 2.89 16.32
C ILE A 427 -13.47 4.40 16.15
N LYS A 428 -12.34 4.81 15.58
CA LYS A 428 -11.93 6.21 15.56
C LYS A 428 -11.66 6.64 14.12
N ILE A 429 -12.14 7.81 13.73
CA ILE A 429 -11.81 8.40 12.43
C ILE A 429 -11.34 9.82 12.69
N GLY A 430 -10.14 10.15 12.25
CA GLY A 430 -9.61 11.49 12.49
C GLY A 430 -8.91 12.19 11.34
N PHE A 431 -8.33 13.33 11.67
CA PHE A 431 -7.56 14.11 10.72
C PHE A 431 -6.45 14.78 11.49
N ASP A 432 -5.23 14.68 10.97
CA ASP A 432 -4.10 15.35 11.61
C ASP A 432 -3.65 16.45 10.65
N SER A 433 -3.58 17.68 11.17
CA SER A 433 -3.26 18.86 10.35
C SER A 433 -1.77 19.01 10.06
N SER A 434 -0.92 18.39 10.88
CA SER A 434 0.50 18.39 10.58
C SER A 434 0.83 17.46 9.39
N GLN A 435 0.02 16.42 9.20
CA GLN A 435 0.24 15.47 8.12
C GLN A 435 -0.72 15.67 6.96
N SER A 436 -1.68 16.57 7.13
CA SER A 436 -2.75 16.79 6.14
C SER A 436 -3.42 15.46 5.73
N SER A 437 -3.59 14.56 6.70
CA SER A 437 -4.05 13.20 6.44
C SER A 437 -5.20 12.74 7.36
N PHE A 438 -6.23 12.15 6.75
CA PHE A 438 -7.26 11.41 7.51
C PHE A 438 -6.73 10.05 7.92
N TYR A 439 -7.33 9.47 8.95
CA TYR A 439 -6.98 8.12 9.37
C TYR A 439 -8.18 7.44 10.01
N ILE A 440 -8.12 6.12 10.07
CA ILE A 440 -9.05 5.32 10.83
C ILE A 440 -8.24 4.42 11.77
N ASP A 441 -8.84 4.09 12.90
CA ASP A 441 -8.32 3.06 13.76
C ASP A 441 -9.51 2.18 14.10
N ARG A 442 -9.51 0.95 13.62
CA ARG A 442 -10.64 0.05 13.84
C ARG A 442 -10.33 -1.00 14.88
N HIS A 443 -9.23 -0.81 15.62
CA HIS A 443 -8.88 -1.74 16.69
C HIS A 443 -10.00 -1.87 17.73
N ILE A 444 -10.35 -3.10 18.05
CA ILE A 444 -11.32 -3.37 19.10
C ILE A 444 -10.74 -4.41 20.05
N PRO A 445 -10.63 -4.07 21.34
CA PRO A 445 -10.05 -5.02 22.30
C PRO A 445 -10.95 -6.24 22.48
N ASN A 446 -10.35 -7.41 22.71
CA ASN A 446 -11.07 -8.63 23.10
C ASN A 446 -11.99 -9.23 22.05
N VAL A 447 -11.76 -8.88 20.79
CA VAL A 447 -12.42 -9.57 19.70
C VAL A 447 -11.34 -10.29 18.89
N GLU A 448 -11.47 -11.61 18.82
CA GLU A 448 -10.48 -12.42 18.14
C GLU A 448 -11.13 -13.36 17.13
N PHE A 449 -10.44 -13.54 16.01
CA PHE A 449 -10.85 -14.49 14.99
C PHE A 449 -9.63 -14.92 14.19
N PRO A 450 -9.69 -16.10 13.54
CA PRO A 450 -8.57 -16.58 12.75
C PRO A 450 -8.11 -15.60 11.66
N ARG A 451 -6.79 -15.52 11.48
CA ARG A 451 -6.14 -14.68 10.48
C ARG A 451 -6.27 -13.18 10.69
N LYS A 452 -6.51 -12.80 11.94
CA LYS A 452 -6.51 -11.39 12.32
C LYS A 452 -5.11 -10.70 12.25
N GLN A 453 -4.04 -11.49 12.06
CA GLN A 453 -2.71 -10.91 11.80
C GLN A 453 -2.71 -10.00 10.57
N PHE A 454 -3.69 -10.20 9.70
CA PHE A 454 -3.78 -9.50 8.43
C PHE A 454 -4.84 -8.40 8.48
N PHE A 455 -5.60 -8.34 9.58
CA PHE A 455 -6.68 -7.36 9.77
C PHE A 455 -6.08 -6.04 10.24
N THR A 456 -5.49 -5.31 9.30
CA THR A 456 -4.87 -4.02 9.58
C THR A 456 -5.83 -3.06 10.30
N ASP A 457 -5.37 -2.48 11.40
CA ASP A 457 -6.25 -1.64 12.23
C ASP A 457 -6.14 -0.16 11.86
N LYS A 458 -4.91 0.29 11.56
CA LYS A 458 -4.61 1.71 11.30
C LYS A 458 -4.33 1.97 9.83
N LEU A 459 -5.21 2.74 9.19
CA LEU A 459 -5.07 3.11 7.78
C LEU A 459 -5.22 4.62 7.63
N ALA A 460 -4.46 5.21 6.72
CA ALA A 460 -4.49 6.66 6.53
C ALA A 460 -4.73 7.05 5.08
N ALA A 461 -5.06 8.30 4.86
CA ALA A 461 -5.15 8.86 3.52
C ALA A 461 -4.70 10.33 3.53
N TYR A 462 -3.64 10.62 2.78
CA TYR A 462 -3.18 12.01 2.56
C TYR A 462 -4.03 12.73 1.51
N LEU A 463 -4.46 13.95 1.82
CA LEU A 463 -5.20 14.75 0.84
C LEU A 463 -4.73 16.21 0.84
N GLU A 464 -4.70 16.80 -0.33
CA GLU A 464 -4.49 18.24 -0.45
C GLU A 464 -5.80 18.88 0.01
N PRO A 465 -5.76 20.17 0.39
CA PRO A 465 -6.99 20.85 0.77
C PRO A 465 -8.09 20.75 -0.30
N LEU A 466 -9.33 20.59 0.13
CA LEU A 466 -10.47 20.73 -0.76
C LEU A 466 -10.52 22.15 -1.32
N ASP A 467 -10.17 23.12 -0.47
CA ASP A 467 -10.20 24.53 -0.84
C ASP A 467 -9.41 25.38 0.15
N TYR A 468 -9.22 26.64 -0.21
CA TYR A 468 -8.58 27.65 0.63
C TYR A 468 -9.56 28.80 0.87
N ASP A 469 -9.70 29.15 2.15
CA ASP A 469 -10.54 30.26 2.56
C ASP A 469 -9.57 31.28 3.14
N GLN A 470 -9.25 32.27 2.32
CA GLN A 470 -8.07 33.12 2.51
C GLN A 470 -6.82 32.28 2.27
N ASP A 471 -6.13 31.94 3.35
CA ASP A 471 -4.92 31.13 3.29
C ASP A 471 -5.08 29.91 4.20
N LEU A 472 -6.29 29.73 4.73
CA LEU A 472 -6.59 28.61 5.62
C LEU A 472 -7.13 27.42 4.85
N ARG A 473 -6.64 26.23 5.22
CA ARG A 473 -6.96 24.98 4.53
C ARG A 473 -8.36 24.43 4.88
N VAL A 474 -9.17 24.23 3.85
CA VAL A 474 -10.49 23.62 3.97
C VAL A 474 -10.47 22.17 3.45
N PHE A 475 -11.11 21.26 4.20
CA PHE A 475 -11.30 19.84 3.83
C PHE A 475 -12.76 19.38 4.05
N SER A 476 -13.17 18.30 3.39
CA SER A 476 -14.47 17.69 3.68
C SER A 476 -14.37 16.18 3.92
N LEU A 477 -15.36 15.65 4.64
CA LEU A 477 -15.44 14.23 4.97
C LEU A 477 -16.91 13.79 5.07
N TYR A 478 -17.30 12.81 4.27
CA TYR A 478 -18.56 12.11 4.50
C TYR A 478 -18.29 10.65 4.86
N GLY A 479 -18.94 10.17 5.91
CA GLY A 479 -18.79 8.79 6.38
C GLY A 479 -20.14 8.17 6.68
N ILE A 480 -20.27 6.87 6.41
CA ILE A 480 -21.47 6.11 6.77
C ILE A 480 -21.16 4.76 7.43
N VAL A 481 -21.78 4.52 8.57
CA VAL A 481 -21.52 3.35 9.39
C VAL A 481 -22.77 2.45 9.43
N ASP A 482 -22.64 1.19 9.01
CA ASP A 482 -23.79 0.31 8.96
C ASP A 482 -23.50 -0.98 9.68
N LYS A 483 -23.54 -0.90 11.02
CA LYS A 483 -23.45 -2.05 11.93
C LYS A 483 -22.13 -2.82 11.93
N ASN A 484 -21.56 -3.07 10.75
CA ASN A 484 -20.24 -3.72 10.71
C ASN A 484 -19.32 -3.23 9.57
N ILE A 485 -19.72 -2.15 8.91
CA ILE A 485 -18.95 -1.62 7.79
C ILE A 485 -18.97 -0.09 7.81
N ILE A 486 -17.82 0.51 7.57
CA ILE A 486 -17.74 1.96 7.47
C ILE A 486 -17.16 2.37 6.10
N GLU A 487 -17.83 3.30 5.44
CA GLU A 487 -17.36 3.82 4.17
C GLU A 487 -17.09 5.30 4.33
N LEU A 488 -15.84 5.69 4.11
CA LEU A 488 -15.41 7.07 4.24
C LEU A 488 -15.11 7.65 2.88
N TYR A 489 -15.58 8.88 2.68
CA TYR A 489 -15.37 9.60 1.43
C TYR A 489 -14.78 10.97 1.77
N PHE A 490 -13.52 11.19 1.37
CA PHE A 490 -12.79 12.43 1.68
C PHE A 490 -12.82 13.45 0.55
N ASN A 491 -12.96 14.73 0.91
CA ASN A 491 -13.03 15.83 -0.06
C ASN A 491 -13.97 15.57 -1.24
N ASP A 492 -15.28 15.50 -0.95
CA ASP A 492 -16.32 15.23 -1.95
C ASP A 492 -15.99 14.02 -2.85
N GLY A 493 -15.44 12.98 -2.23
CA GLY A 493 -15.19 11.72 -2.92
C GLY A 493 -13.89 11.62 -3.67
N THR A 494 -12.93 12.52 -3.35
CA THR A 494 -11.61 12.49 -3.95
C THR A 494 -10.90 11.17 -3.64
N VAL A 495 -10.97 10.73 -2.39
CA VAL A 495 -10.59 9.36 -2.08
C VAL A 495 -11.64 8.63 -1.21
N ALA A 496 -11.73 7.32 -1.39
CA ALA A 496 -12.66 6.48 -0.65
C ALA A 496 -11.90 5.43 0.11
N MET A 497 -12.38 5.12 1.31
CA MET A 497 -11.77 4.13 2.16
C MET A 497 -12.85 3.29 2.83
N THR A 498 -12.82 1.98 2.58
CA THR A 498 -13.87 1.07 3.05
C THR A 498 -13.27 0.02 3.97
N ASN A 499 -13.84 -0.11 5.16
CA ASN A 499 -13.38 -1.13 6.10
C ASN A 499 -14.53 -1.72 6.91
N THR A 500 -14.54 -3.04 7.06
CA THR A 500 -15.42 -3.66 8.03
C THR A 500 -14.84 -3.50 9.45
N PHE A 501 -15.67 -3.68 10.47
CA PHE A 501 -15.22 -3.65 11.86
C PHE A 501 -16.11 -4.60 12.66
N PHE A 502 -15.56 -5.18 13.72
CA PHE A 502 -16.29 -6.16 14.52
C PHE A 502 -16.21 -5.88 16.00
N MET A 503 -17.26 -5.22 16.46
CA MET A 503 -17.46 -4.97 17.87
C MET A 503 -17.72 -6.28 18.61
N GLY A 504 -17.56 -6.24 19.93
CA GLY A 504 -17.79 -7.43 20.75
C GLY A 504 -19.23 -7.87 20.72
N GLU A 505 -19.45 -9.15 21.01
CA GLU A 505 -20.78 -9.76 21.02
C GLU A 505 -21.85 -8.86 21.64
N GLY A 506 -22.89 -8.58 20.87
CA GLY A 506 -24.00 -7.77 21.34
C GLY A 506 -23.87 -6.29 21.10
N LYS A 507 -22.67 -5.81 20.82
CA LYS A 507 -22.44 -4.37 20.64
C LYS A 507 -22.59 -3.89 19.19
N TYR A 508 -23.11 -2.68 19.04
CA TYR A 508 -23.19 -2.04 17.76
C TYR A 508 -23.18 -0.53 17.97
N PRO A 509 -22.95 0.26 16.90
CA PRO A 509 -22.83 1.72 17.08
C PRO A 509 -24.06 2.33 17.74
N HIS A 510 -23.84 3.09 18.80
CA HIS A 510 -24.94 3.70 19.56
C HIS A 510 -24.96 5.22 19.54
N ASP A 511 -23.78 5.83 19.52
CA ASP A 511 -23.66 7.29 19.47
C ASP A 511 -22.34 7.71 18.83
N ILE A 512 -22.24 8.99 18.49
CA ILE A 512 -21.09 9.52 17.79
C ILE A 512 -20.57 10.79 18.49
N GLN A 513 -19.25 10.87 18.67
CA GLN A 513 -18.62 12.10 19.18
C GLN A 513 -17.52 12.65 18.29
N ILE A 514 -17.40 13.98 18.30
CA ILE A 514 -16.26 14.66 17.67
C ILE A 514 -15.49 15.46 18.74
N VAL A 515 -14.24 15.08 18.96
CA VAL A 515 -13.42 15.63 20.06
C VAL A 515 -12.03 16.08 19.56
N THR A 516 -11.37 16.91 20.37
CA THR A 516 -9.98 17.31 20.12
C THR A 516 -9.30 17.52 21.46
N ASP A 517 -7.97 17.51 21.48
CA ASP A 517 -7.22 17.75 22.72
C ASP A 517 -6.72 19.21 22.86
N THR A 518 -6.90 20.01 21.81
CA THR A 518 -6.43 21.40 21.82
C THR A 518 -7.27 22.26 22.74
N GLU A 519 -6.61 23.12 23.52
CA GLU A 519 -7.32 24.07 24.38
C GLU A 519 -7.96 25.25 23.63
N GLU A 520 -7.25 25.80 22.65
CA GLU A 520 -7.85 26.82 21.78
C GLU A 520 -8.37 26.15 20.49
N PRO A 521 -8.91 26.91 19.52
CA PRO A 521 -9.39 26.12 18.38
C PRO A 521 -8.43 26.02 17.18
N LEU A 522 -8.03 24.78 16.86
CA LEU A 522 -7.21 24.54 15.67
C LEU A 522 -8.13 24.27 14.48
N PHE A 523 -9.27 23.66 14.77
CA PHE A 523 -10.23 23.27 13.76
C PHE A 523 -11.58 23.96 13.95
N GLU A 524 -12.04 24.61 12.88
CA GLU A 524 -13.38 25.15 12.84
C GLU A 524 -14.22 24.31 11.88
N LEU A 525 -15.31 23.75 12.39
CA LEU A 525 -16.18 22.94 11.57
C LEU A 525 -17.26 23.82 11.00
N GLU A 526 -17.08 24.23 9.76
CA GLU A 526 -18.07 25.05 9.07
C GLU A 526 -19.46 24.41 9.09
N SER A 527 -19.51 23.08 9.05
CA SER A 527 -20.76 22.36 8.96
C SER A 527 -20.61 20.94 9.48
N VAL A 528 -21.52 20.52 10.34
CA VAL A 528 -21.55 19.18 10.90
C VAL A 528 -22.98 18.66 10.83
N ILE A 529 -23.17 17.52 10.19
CA ILE A 529 -24.47 16.84 10.21
C ILE A 529 -24.26 15.37 10.52
N ILE A 530 -24.84 14.91 11.63
CA ILE A 530 -24.78 13.52 12.03
C ILE A 530 -26.20 12.98 12.12
N ARG A 531 -26.48 11.94 11.35
CA ARG A 531 -27.82 11.40 11.30
C ARG A 531 -27.85 9.93 11.73
N GLU A 532 -28.93 9.57 12.42
CA GLU A 532 -29.30 8.18 12.65
C GLU A 532 -30.30 7.84 11.59
N LEU A 533 -30.10 6.70 10.94
CA LEU A 533 -30.88 6.33 9.77
C LEU A 533 -31.51 4.95 9.93
N ASN A 534 -32.54 4.68 9.16
CA ASN A 534 -33.19 3.37 9.17
C ASN A 534 -33.75 2.97 7.79
N LYS A 535 -34.00 1.67 7.61
CA LYS A 535 -34.83 1.17 6.50
C LYS A 535 -36.24 1.77 6.58
N LEU B 27 18.37 17.16 26.63
CA LEU B 27 19.83 16.86 26.77
C LEU B 27 20.18 16.02 28.02
N SER B 28 19.23 15.92 28.96
CA SER B 28 19.45 15.20 30.20
C SER B 28 18.99 13.75 30.14
N VAL B 29 18.02 13.46 29.28
CA VAL B 29 17.54 12.11 29.05
C VAL B 29 18.31 11.46 27.91
N ASP B 30 18.90 10.30 28.18
CA ASP B 30 19.62 9.56 27.15
C ASP B 30 19.08 8.14 27.06
N THR B 31 18.45 7.83 25.93
CA THR B 31 17.76 6.56 25.74
C THR B 31 18.66 5.47 25.17
N SER B 32 19.92 5.81 24.89
CA SER B 32 20.84 4.95 24.12
C SER B 32 20.96 3.53 24.63
N GLU B 33 21.09 3.42 25.96
CA GLU B 33 21.17 2.15 26.68
C GLU B 33 20.22 1.06 26.14
N TYR B 34 18.95 1.43 25.91
CA TYR B 34 17.96 0.47 25.43
C TYR B 34 17.52 0.68 23.99
N ASN B 35 17.69 1.92 23.49
CA ASN B 35 17.12 2.43 22.22
C ASN B 35 18.05 2.62 21.02
N ARG B 36 19.34 2.79 21.27
CA ARG B 36 20.25 3.19 20.20
C ARG B 36 20.88 1.98 19.54
N PRO B 37 20.66 1.84 18.22
CA PRO B 37 21.24 0.70 17.46
C PRO B 37 22.75 0.58 17.64
N LEU B 38 23.27 -0.64 17.56
CA LEU B 38 24.69 -0.86 17.71
C LEU B 38 25.41 -0.73 16.37
N ILE B 39 24.76 -1.17 15.28
CA ILE B 39 25.44 -1.29 13.98
C ILE B 39 24.71 -0.57 12.84
N HIS B 40 23.66 0.16 13.18
CA HIS B 40 23.04 1.10 12.26
C HIS B 40 23.60 2.46 12.62
N PHE B 41 24.00 3.26 11.63
CA PHE B 41 24.57 4.58 11.99
C PHE B 41 23.54 5.52 12.61
N THR B 42 23.93 6.19 13.70
CA THR B 42 23.19 7.31 14.27
C THR B 42 24.14 8.47 14.61
N PRO B 43 23.66 9.71 14.46
CA PRO B 43 24.49 10.81 14.97
C PRO B 43 24.48 10.79 16.49
N GLU B 44 25.56 11.23 17.11
CA GLU B 44 25.63 11.27 18.56
C GLU B 44 24.50 12.12 19.13
N LYS B 45 24.23 13.27 18.51
CA LYS B 45 23.09 14.10 18.88
C LYS B 45 22.46 14.79 17.67
N GLY B 46 21.21 15.25 17.84
CA GLY B 46 20.54 16.00 16.79
C GLY B 46 19.70 15.12 15.88
N TRP B 47 19.21 15.71 14.80
CA TRP B 47 18.33 15.02 13.87
C TRP B 47 19.06 14.60 12.60
N MET B 48 18.77 13.39 12.12
CA MET B 48 19.21 12.94 10.79
C MET B 48 18.02 12.52 9.89
N ASN B 49 18.00 12.96 8.64
CA ASN B 49 17.19 12.27 7.67
C ASN B 49 18.01 11.65 6.53
N ALA B 50 17.73 12.00 5.28
CA ALA B 50 18.30 11.28 4.12
C ALA B 50 19.83 11.14 4.08
N PRO B 51 20.33 9.93 3.74
CA PRO B 51 21.76 9.74 3.51
C PRO B 51 22.19 10.41 2.21
N ASN B 52 23.40 10.98 2.21
CA ASN B 52 23.93 11.75 1.09
C ASN B 52 25.38 11.41 0.79
N GLY B 53 25.80 11.67 -0.44
CA GLY B 53 27.21 11.62 -0.82
C GLY B 53 27.91 10.31 -0.53
N LEU B 54 27.16 9.21 -0.62
CA LEU B 54 27.69 7.87 -0.41
C LEU B 54 28.78 7.55 -1.44
N PHE B 55 29.98 7.29 -0.95
CA PHE B 55 31.07 6.88 -1.81
C PHE B 55 32.14 6.11 -1.05
N TYR B 56 32.90 5.33 -1.81
CA TYR B 56 34.02 4.58 -1.25
C TYR B 56 35.31 5.25 -1.67
N ASP B 57 36.18 5.52 -0.69
CA ASP B 57 37.49 6.07 -1.00
C ASP B 57 38.45 4.90 -1.13
N LYS B 58 38.86 4.61 -2.36
CA LYS B 58 39.74 3.46 -2.67
C LYS B 58 41.15 3.58 -2.08
N THR B 59 41.67 4.80 -1.96
CA THR B 59 42.99 5.00 -1.37
C THR B 59 42.93 4.80 0.14
N ALA B 60 42.07 5.56 0.82
CA ALA B 60 41.92 5.44 2.25
C ALA B 60 41.23 4.12 2.69
N LYS B 61 40.62 3.41 1.73
CA LYS B 61 39.76 2.26 2.04
C LYS B 61 38.66 2.60 3.05
N LEU B 62 37.98 3.73 2.82
CA LEU B 62 36.91 4.17 3.73
C LEU B 62 35.62 4.41 3.00
N TRP B 63 34.55 3.85 3.54
CA TRP B 63 33.21 4.19 3.15
C TRP B 63 32.84 5.49 3.82
N HIS B 64 32.31 6.40 3.01
CA HIS B 64 31.80 7.68 3.48
C HIS B 64 30.26 7.73 3.45
N LEU B 65 29.69 8.14 4.58
CA LEU B 65 28.28 8.44 4.70
C LEU B 65 28.11 9.89 5.10
N TYR B 66 27.41 10.66 4.26
CA TYR B 66 26.95 11.96 4.69
C TYR B 66 25.44 11.86 4.89
N PHE B 67 24.85 12.89 5.50
CA PHE B 67 23.43 12.84 5.84
C PHE B 67 22.85 14.22 6.14
N GLN B 68 21.58 14.38 5.75
CA GLN B 68 20.79 15.54 6.15
C GLN B 68 20.82 15.63 7.66
N TYR B 69 21.33 16.74 8.17
CA TYR B 69 21.66 16.83 9.59
C TYR B 69 21.27 18.17 10.21
N ASN B 70 20.52 18.09 11.30
CA ASN B 70 20.25 19.27 12.14
C ASN B 70 20.86 19.05 13.53
N PRO B 71 22.00 19.70 13.81
CA PRO B 71 22.68 19.50 15.09
C PRO B 71 21.96 20.18 16.26
N ASN B 72 21.04 21.09 15.95
CA ASN B 72 20.44 21.98 16.95
C ASN B 72 19.14 21.50 17.62
N ALA B 73 18.57 20.40 17.11
CA ALA B 73 17.34 19.80 17.66
C ALA B 73 17.17 18.35 17.18
N THR B 74 16.32 17.58 17.86
CA THR B 74 15.98 16.24 17.39
C THR B 74 14.75 16.31 16.46
N ALA B 75 14.77 17.28 15.54
CA ALA B 75 13.68 17.49 14.60
C ALA B 75 14.25 18.14 13.35
N TRP B 76 13.58 17.97 12.21
CA TRP B 76 14.01 18.64 10.98
C TRP B 76 13.97 20.18 11.20
N GLY B 77 14.94 20.90 10.64
CA GLY B 77 14.96 22.35 10.71
C GLY B 77 16.18 22.94 10.02
N GLN B 78 16.05 24.21 9.61
CA GLN B 78 17.17 24.94 9.03
C GLN B 78 17.79 25.88 10.08
N PRO B 79 19.11 26.13 10.00
CA PRO B 79 20.06 25.65 8.99
C PRO B 79 20.22 24.14 8.98
N LEU B 80 20.27 23.56 7.79
CA LEU B 80 20.47 22.13 7.63
C LEU B 80 21.79 21.85 6.93
N TYR B 81 22.52 20.88 7.48
CA TYR B 81 23.91 20.61 7.07
C TYR B 81 24.05 19.19 6.52
N TRP B 82 25.19 18.91 5.89
CA TRP B 82 25.62 17.54 5.68
C TRP B 82 26.48 17.10 6.86
N GLY B 83 25.96 16.16 7.66
CA GLY B 83 26.80 15.45 8.63
C GLY B 83 27.73 14.49 7.87
N HIS B 84 28.72 13.94 8.57
CA HIS B 84 29.71 13.08 7.94
C HIS B 84 30.26 12.04 8.88
N ALA B 85 30.34 10.81 8.39
CA ALA B 85 30.90 9.69 9.15
C ALA B 85 31.64 8.77 8.19
N THR B 86 32.60 8.01 8.71
CA THR B 86 33.36 7.10 7.88
C THR B 86 33.36 5.71 8.47
N SER B 87 33.65 4.72 7.64
CA SER B 87 33.67 3.34 8.10
C SER B 87 34.54 2.49 7.20
N ASN B 88 35.28 1.58 7.81
CA ASN B 88 36.04 0.62 7.03
C ASN B 88 35.30 -0.68 6.72
N ASP B 89 34.13 -0.88 7.31
CA ASP B 89 33.42 -2.16 7.14
C ASP B 89 31.89 -2.07 6.96
N LEU B 90 31.36 -0.85 6.98
CA LEU B 90 29.90 -0.60 6.86
C LEU B 90 29.07 -1.01 8.08
N VAL B 91 29.73 -1.26 9.21
CA VAL B 91 29.01 -1.42 10.48
C VAL B 91 29.55 -0.56 11.63
N HIS B 92 30.86 -0.30 11.62
CA HIS B 92 31.51 0.57 12.60
C HIS B 92 31.75 1.96 12.00
N TRP B 93 31.19 2.99 12.64
CA TRP B 93 31.21 4.35 12.11
C TRP B 93 31.93 5.35 13.00
N ASP B 94 32.77 6.18 12.40
CA ASP B 94 33.38 7.31 13.10
C ASP B 94 32.74 8.61 12.64
N GLU B 95 32.11 9.32 13.57
CA GLU B 95 31.47 10.59 13.23
C GLU B 95 32.52 11.70 13.12
N HIS B 96 32.40 12.55 12.11
CA HIS B 96 33.32 13.67 11.95
C HIS B 96 32.62 15.02 12.06
N GLU B 97 33.39 16.09 11.84
CA GLU B 97 32.86 17.44 11.77
C GLU B 97 31.95 17.62 10.57
N ILE B 98 30.94 18.47 10.74
CA ILE B 98 30.04 18.83 9.66
C ILE B 98 30.85 19.10 8.39
N ALA B 99 30.42 18.53 7.25
CA ALA B 99 31.16 18.69 5.99
C ALA B 99 30.75 19.92 5.15
N ILE B 100 29.44 20.18 5.09
CA ILE B 100 28.93 21.30 4.29
C ILE B 100 27.82 22.00 5.08
N GLY B 101 27.82 23.32 5.01
CA GLY B 101 26.82 24.14 5.71
C GLY B 101 26.22 25.22 4.82
N PRO B 102 25.05 25.74 5.22
CA PRO B 102 24.39 26.75 4.39
C PRO B 102 25.01 28.14 4.59
N GLU B 103 24.79 29.04 3.63
CA GLU B 103 25.29 30.43 3.72
C GLU B 103 24.55 31.23 4.81
N HIS B 104 23.28 30.91 5.06
CA HIS B 104 22.50 31.58 6.12
C HIS B 104 21.64 30.58 6.87
N ASP B 105 21.13 31.01 8.03
CA ASP B 105 20.25 30.21 8.90
C ASP B 105 18.90 29.93 8.27
N ASN B 106 18.62 30.76 7.27
CA ASN B 106 17.45 30.74 6.42
C ASN B 106 17.41 29.55 5.46
N GLU B 107 18.50 28.77 5.44
CA GLU B 107 18.85 27.94 4.27
C GLU B 107 19.29 26.53 4.64
N GLY B 108 19.45 25.67 3.65
CA GLY B 108 19.89 24.31 3.92
C GLY B 108 20.60 23.63 2.76
N ILE B 109 21.60 22.83 3.11
CA ILE B 109 22.27 21.96 2.15
C ILE B 109 21.42 20.69 2.10
N PHE B 110 20.52 20.63 1.12
CA PHE B 110 19.60 19.51 1.02
C PHE B 110 20.36 18.33 0.40
N SER B 111 19.62 17.32 -0.05
CA SER B 111 20.23 16.05 -0.42
C SER B 111 21.18 16.16 -1.60
N GLY B 112 22.10 15.21 -1.69
CA GLY B 112 23.00 15.12 -2.83
C GLY B 112 23.81 13.85 -2.82
N SER B 113 24.75 13.79 -3.75
CA SER B 113 25.54 12.60 -3.99
C SER B 113 26.96 13.07 -4.21
N ILE B 114 27.90 12.14 -4.19
CA ILE B 114 29.30 12.45 -4.49
C ILE B 114 29.80 11.60 -5.64
N VAL B 115 30.67 12.19 -6.46
CA VAL B 115 31.39 11.41 -7.45
C VAL B 115 32.88 11.65 -7.26
N VAL B 116 33.68 10.74 -7.82
CA VAL B 116 35.11 10.90 -7.81
C VAL B 116 35.52 11.21 -9.25
N ASP B 117 35.97 12.45 -9.44
CA ASP B 117 36.35 12.97 -10.72
C ASP B 117 37.83 12.61 -10.97
N HIS B 118 38.11 11.34 -11.27
CA HIS B 118 39.49 10.85 -11.42
C HIS B 118 40.34 11.66 -12.41
N ASN B 119 39.70 12.08 -13.50
CA ASN B 119 40.43 12.71 -14.60
C ASN B 119 40.32 14.22 -14.59
N ASN B 120 39.88 14.78 -13.45
CA ASN B 120 39.82 16.23 -13.28
C ASN B 120 39.01 16.93 -14.38
N THR B 121 37.89 16.32 -14.77
CA THR B 121 37.00 16.93 -15.76
C THR B 121 36.44 18.29 -15.29
N SER B 122 36.42 18.48 -13.98
CA SER B 122 35.86 19.67 -13.37
C SER B 122 36.88 20.80 -13.25
N GLY B 123 38.17 20.46 -13.42
CA GLY B 123 39.24 21.44 -13.29
C GLY B 123 39.58 21.85 -11.86
N PHE B 124 38.97 21.22 -10.87
CA PHE B 124 39.21 21.59 -9.46
C PHE B 124 40.51 21.04 -8.85
N PHE B 125 41.08 20.03 -9.47
CA PHE B 125 42.09 19.23 -8.78
C PHE B 125 43.52 19.31 -9.29
N ASN B 126 44.44 19.62 -8.37
CA ASN B 126 45.90 19.49 -8.57
C ASN B 126 46.37 18.17 -9.09
N SER B 127 47.55 18.23 -9.69
CA SER B 127 48.45 17.12 -9.91
C SER B 127 48.68 16.27 -8.64
N SER B 128 48.68 16.92 -7.48
CA SER B 128 49.00 16.24 -6.22
C SER B 128 47.77 15.76 -5.44
N ILE B 129 46.57 15.94 -6.01
CA ILE B 129 45.37 15.31 -5.44
C ILE B 129 45.23 13.92 -6.03
N ASP B 130 45.32 12.90 -5.18
CA ASP B 130 45.17 11.50 -5.57
C ASP B 130 43.88 11.33 -6.41
N PRO B 131 44.00 10.75 -7.62
CA PRO B 131 42.81 10.60 -8.46
C PRO B 131 41.59 9.99 -7.74
N ASN B 132 41.83 9.03 -6.84
CA ASN B 132 40.75 8.37 -6.10
C ASN B 132 40.10 9.24 -5.03
N GLN B 133 40.67 10.43 -4.79
CA GLN B 133 40.19 11.34 -3.76
C GLN B 133 39.76 12.70 -4.34
N ARG B 134 39.54 12.72 -5.65
CA ARG B 134 39.08 13.95 -6.31
C ARG B 134 37.56 14.09 -6.17
N ILE B 135 37.17 14.46 -4.95
CA ILE B 135 35.82 14.31 -4.44
C ILE B 135 34.99 15.55 -4.76
N VAL B 136 33.93 15.36 -5.53
CA VAL B 136 32.97 16.43 -5.83
C VAL B 136 31.59 16.07 -5.29
N ALA B 137 31.01 16.96 -4.50
CA ALA B 137 29.66 16.76 -4.01
C ALA B 137 28.74 17.58 -4.88
N ILE B 138 27.60 16.99 -5.25
CA ILE B 138 26.57 17.67 -6.02
C ILE B 138 25.30 17.57 -5.21
N TYR B 139 24.71 18.71 -4.86
CA TYR B 139 23.66 18.78 -3.86
C TYR B 139 22.65 19.89 -4.16
N THR B 140 21.48 19.76 -3.55
CA THR B 140 20.47 20.79 -3.65
C THR B 140 20.70 21.89 -2.60
N ASN B 141 20.81 23.13 -3.07
CA ASN B 141 20.90 24.28 -2.16
C ASN B 141 19.50 24.82 -1.97
N ASN B 142 19.02 24.75 -0.74
CA ASN B 142 17.66 25.18 -0.46
C ASN B 142 17.62 26.53 0.21
N ILE B 143 17.01 27.47 -0.49
CA ILE B 143 16.90 28.84 -0.02
C ILE B 143 15.40 29.19 -0.16
N PRO B 144 14.92 30.25 0.54
CA PRO B 144 13.53 30.63 0.38
C PRO B 144 13.15 30.75 -1.09
N ASP B 145 12.03 30.13 -1.46
CA ASP B 145 11.48 30.19 -2.83
C ASP B 145 12.36 29.62 -3.95
N ASN B 146 13.48 28.98 -3.61
CA ASN B 146 14.40 28.48 -4.65
C ASN B 146 15.11 27.20 -4.22
N GLN B 147 15.07 26.20 -5.09
CA GLN B 147 15.96 25.04 -4.95
C GLN B 147 16.78 24.89 -6.22
N THR B 148 18.11 24.91 -6.07
CA THR B 148 19.03 24.77 -7.23
C THR B 148 19.98 23.59 -7.00
N GLN B 149 20.64 23.12 -8.06
CA GLN B 149 21.73 22.17 -7.88
C GLN B 149 23.08 22.90 -7.90
N ASP B 150 23.90 22.62 -6.90
CA ASP B 150 25.19 23.27 -6.69
C ASP B 150 26.26 22.21 -6.48
N ILE B 151 27.52 22.58 -6.67
CA ILE B 151 28.61 21.67 -6.43
C ILE B 151 29.67 22.25 -5.49
N ALA B 152 30.43 21.36 -4.84
CA ALA B 152 31.56 21.73 -4.01
C ALA B 152 32.59 20.60 -4.11
N PHE B 153 33.86 20.92 -3.88
CA PHE B 153 34.95 19.95 -4.00
C PHE B 153 35.74 19.89 -2.71
N SER B 154 36.31 18.73 -2.43
CA SER B 154 37.11 18.52 -1.23
C SER B 154 38.55 18.21 -1.59
N LEU B 155 39.50 18.86 -0.92
CA LEU B 155 40.93 18.62 -1.17
C LEU B 155 41.66 17.86 -0.07
N ASP B 156 40.92 17.44 0.96
CA ASP B 156 41.51 16.74 2.11
C ASP B 156 40.84 15.40 2.38
N GLY B 157 40.34 14.76 1.33
CA GLY B 157 39.80 13.40 1.43
C GLY B 157 38.32 13.32 1.81
N GLY B 158 37.65 14.46 1.80
CA GLY B 158 36.19 14.50 1.96
C GLY B 158 35.71 15.08 3.28
N TYR B 159 36.62 15.73 4.02
CA TYR B 159 36.27 16.26 5.35
C TYR B 159 35.86 17.74 5.34
N THR B 160 36.47 18.53 4.47
CA THR B 160 36.06 19.92 4.25
C THR B 160 35.86 20.17 2.76
N PHE B 161 35.05 21.16 2.44
CA PHE B 161 34.67 21.45 1.06
C PHE B 161 34.77 22.93 0.76
N THR B 162 35.02 23.23 -0.51
CA THR B 162 34.96 24.56 -1.05
C THR B 162 33.82 24.55 -2.07
N LYS B 163 32.86 25.44 -1.88
CA LYS B 163 31.77 25.58 -2.83
C LYS B 163 32.27 26.19 -4.15
N TYR B 164 31.69 25.75 -5.26
CA TYR B 164 32.08 26.26 -6.57
C TYR B 164 31.74 27.74 -6.70
N GLU B 165 32.72 28.50 -7.19
CA GLU B 165 32.60 29.93 -7.45
C GLU B 165 31.33 30.36 -8.17
N ASN B 166 30.93 29.57 -9.16
CA ASN B 166 29.79 29.92 -10.02
C ASN B 166 28.51 29.09 -9.80
N ASN B 167 28.34 28.57 -8.58
CA ASN B 167 27.06 28.01 -8.15
C ASN B 167 25.93 29.05 -8.31
N PRO B 168 24.75 28.59 -8.75
CA PRO B 168 24.31 27.21 -8.99
C PRO B 168 24.76 26.67 -10.33
N VAL B 169 24.84 25.34 -10.45
CA VAL B 169 25.16 24.71 -11.72
C VAL B 169 23.91 24.46 -12.56
N ILE B 170 22.78 24.27 -11.87
CA ILE B 170 21.48 24.21 -12.53
C ILE B 170 20.42 24.96 -11.74
N ASP B 171 19.81 25.96 -12.37
CA ASP B 171 18.68 26.65 -11.80
C ASP B 171 17.58 26.68 -12.84
N VAL B 172 16.43 26.11 -12.52
CA VAL B 172 15.29 26.16 -13.42
C VAL B 172 14.18 27.05 -12.87
N SER B 173 14.56 27.93 -11.93
CA SER B 173 13.65 28.88 -11.26
C SER B 173 12.51 28.15 -10.59
N SER B 174 12.84 27.08 -9.89
CA SER B 174 11.85 26.29 -9.21
C SER B 174 12.09 26.15 -7.71
N ASN B 175 10.96 25.97 -7.04
CA ASN B 175 10.78 25.78 -5.62
C ASN B 175 10.88 24.31 -5.24
N GLN B 176 10.79 23.46 -6.25
CA GLN B 176 10.56 22.02 -6.07
C GLN B 176 11.43 21.27 -7.08
N PHE B 177 12.73 21.20 -6.80
CA PHE B 177 13.74 20.77 -7.77
C PHE B 177 14.94 20.34 -6.94
N ARG B 178 15.07 19.04 -6.68
CA ARG B 178 15.97 18.60 -5.61
C ARG B 178 16.41 17.13 -5.67
N ASP B 179 17.49 16.83 -4.95
CA ASP B 179 18.03 15.46 -4.79
C ASP B 179 18.76 14.88 -6.01
N PRO B 180 19.90 15.46 -6.38
CA PRO B 180 20.63 14.91 -7.53
C PRO B 180 21.43 13.65 -7.18
N LYS B 181 21.30 12.62 -8.02
CA LYS B 181 22.19 11.47 -7.98
C LYS B 181 23.01 11.47 -9.26
N VAL B 182 24.32 11.65 -9.13
CA VAL B 182 25.18 11.74 -10.30
C VAL B 182 26.17 10.61 -10.44
N PHE B 183 26.43 10.21 -11.69
CA PHE B 183 27.30 9.10 -12.00
C PHE B 183 27.91 9.25 -13.38
N TRP B 184 29.12 8.73 -13.53
CA TRP B 184 29.79 8.70 -14.82
C TRP B 184 29.18 7.61 -15.68
N HIS B 185 28.81 7.97 -16.91
CA HIS B 185 28.26 7.00 -17.82
C HIS B 185 29.18 6.79 -19.02
N GLU B 186 29.95 5.72 -18.97
CA GLU B 186 31.03 5.48 -19.94
C GLU B 186 30.52 5.41 -21.38
N ASP B 187 29.45 4.66 -21.60
CA ASP B 187 28.92 4.46 -22.93
C ASP B 187 28.51 5.71 -23.72
N SER B 188 28.09 6.76 -23.01
CA SER B 188 27.74 8.02 -23.67
C SER B 188 28.75 9.12 -23.35
N ASN B 189 29.78 8.74 -22.59
CA ASN B 189 30.88 9.63 -22.25
C ASN B 189 30.45 10.93 -21.55
N GLN B 190 29.61 10.81 -20.55
CA GLN B 190 29.22 12.01 -19.80
C GLN B 190 28.90 11.73 -18.35
N TRP B 191 28.86 12.77 -17.54
CA TRP B 191 28.26 12.69 -16.24
C TRP B 191 26.75 12.72 -16.43
N ILE B 192 26.05 11.84 -15.73
CA ILE B 192 24.59 11.84 -15.71
C ILE B 192 24.07 12.29 -14.36
N MET B 193 23.05 13.12 -14.39
CA MET B 193 22.33 13.47 -13.18
C MET B 193 20.87 13.07 -13.31
N VAL B 194 20.37 12.32 -12.33
CA VAL B 194 18.93 12.22 -12.13
C VAL B 194 18.52 13.07 -10.93
N VAL B 195 17.49 13.88 -11.11
CA VAL B 195 17.06 14.79 -10.07
C VAL B 195 15.55 14.87 -10.18
N SER B 196 14.87 15.18 -9.08
CA SER B 196 13.41 15.19 -9.12
C SER B 196 12.86 16.59 -9.36
N LYS B 197 11.93 16.68 -10.30
CA LYS B 197 11.11 17.88 -10.43
C LYS B 197 9.85 17.53 -9.63
N SER B 198 9.95 17.77 -8.32
CA SER B 198 9.20 16.99 -7.36
C SER B 198 7.70 16.99 -7.59
N GLN B 199 7.14 18.17 -7.83
CA GLN B 199 5.70 18.30 -7.85
C GLN B 199 5.11 18.15 -9.24
N GLU B 200 6.00 18.07 -10.23
CA GLU B 200 5.61 17.79 -11.61
C GLU B 200 5.60 16.29 -11.88
N TYR B 201 6.00 15.53 -10.87
CA TYR B 201 6.16 14.08 -10.96
C TYR B 201 7.00 13.68 -12.16
N LYS B 202 8.16 14.31 -12.31
CA LYS B 202 9.11 13.95 -13.35
C LYS B 202 10.45 13.65 -12.72
N ILE B 203 11.08 12.57 -13.17
CA ILE B 203 12.51 12.39 -12.95
C ILE B 203 13.21 13.00 -14.16
N GLN B 204 14.06 13.99 -13.92
CA GLN B 204 14.75 14.69 -15.00
C GLN B 204 16.15 14.16 -15.14
N ILE B 205 16.54 13.87 -16.37
CA ILE B 205 17.86 13.34 -16.66
C ILE B 205 18.74 14.33 -17.43
N PHE B 206 19.80 14.78 -16.77
CA PHE B 206 20.73 15.79 -17.31
C PHE B 206 22.08 15.12 -17.59
N GLY B 207 22.80 15.66 -18.57
CA GLY B 207 24.17 15.25 -18.88
C GLY B 207 25.17 16.41 -18.83
N SER B 208 26.41 16.11 -18.47
CA SER B 208 27.49 17.12 -18.41
C SER B 208 28.85 16.53 -18.73
N ALA B 209 29.75 17.35 -19.28
CA ALA B 209 31.14 16.92 -19.54
C ALA B 209 31.97 17.28 -18.30
N ASN B 210 31.34 18.10 -17.47
CA ASN B 210 31.96 19.14 -16.69
C ASN B 210 31.72 19.04 -15.20
N LEU B 211 30.51 18.59 -14.86
CA LEU B 211 29.89 18.75 -13.55
C LEU B 211 29.43 20.19 -13.33
N LYS B 212 29.78 21.10 -14.23
CA LYS B 212 29.42 22.52 -14.10
C LYS B 212 28.28 22.96 -15.04
N ASN B 213 28.34 22.50 -16.29
CA ASN B 213 27.38 22.90 -17.31
C ASN B 213 26.58 21.69 -17.72
N TRP B 214 25.27 21.77 -17.56
CA TRP B 214 24.37 20.64 -17.75
C TRP B 214 23.33 20.87 -18.83
N VAL B 215 22.97 19.79 -19.51
CA VAL B 215 21.94 19.81 -20.54
C VAL B 215 20.86 18.79 -20.16
N LEU B 216 19.59 19.19 -20.31
CA LEU B 216 18.46 18.28 -20.08
C LEU B 216 18.26 17.29 -21.23
N ASN B 217 18.36 16.00 -20.92
CA ASN B 217 18.22 14.96 -21.92
C ASN B 217 16.86 14.24 -22.00
N SER B 218 16.18 14.05 -20.87
CA SER B 218 14.81 13.48 -20.85
C SER B 218 14.08 13.66 -19.51
N ASN B 219 12.74 13.49 -19.56
CA ASN B 219 11.88 13.44 -18.37
C ASN B 219 11.32 12.02 -18.28
N PHE B 220 11.22 11.48 -17.07
CA PHE B 220 10.57 10.18 -16.87
C PHE B 220 9.50 10.24 -15.79
N SER B 221 8.33 9.65 -16.09
CA SER B 221 7.16 9.69 -15.21
C SER B 221 6.41 8.38 -15.22
N SER B 222 6.33 7.73 -14.06
CA SER B 222 5.63 6.46 -13.95
C SER B 222 5.37 6.05 -12.50
N GLY B 223 4.75 4.89 -12.34
CA GLY B 223 4.62 4.24 -11.03
C GLY B 223 3.59 4.86 -10.12
N TYR B 224 3.92 4.88 -8.83
CA TYR B 224 2.98 5.40 -7.83
C TYR B 224 3.34 6.85 -7.56
N TYR B 225 2.41 7.75 -7.86
CA TYR B 225 2.71 9.17 -7.79
C TYR B 225 2.75 9.67 -6.36
N GLY B 226 1.77 9.48 -5.52
CA GLY B 226 1.85 10.07 -4.18
C GLY B 226 1.75 11.59 -4.25
N ASN B 227 2.27 12.27 -3.25
CA ASN B 227 2.27 13.72 -3.27
C ASN B 227 3.38 14.32 -4.16
N GLN B 228 4.54 13.65 -4.20
CA GLN B 228 5.81 14.25 -4.66
C GLN B 228 6.83 13.22 -5.10
N TYR B 229 7.55 13.47 -6.19
CA TYR B 229 8.75 12.67 -6.52
C TYR B 229 9.96 13.19 -5.74
N GLU B 230 10.75 12.29 -5.17
CA GLU B 230 11.99 12.67 -4.49
C GLU B 230 13.08 11.62 -4.68
N CYS B 231 14.30 12.01 -4.34
CA CYS B 231 15.43 11.10 -4.24
C CYS B 231 15.54 10.05 -5.36
N PRO B 232 15.61 10.50 -6.65
CA PRO B 232 15.77 9.49 -7.69
C PRO B 232 17.16 8.85 -7.66
N GLY B 233 17.26 7.65 -8.25
CA GLY B 233 18.56 6.99 -8.45
C GLY B 233 18.50 6.22 -9.78
N LEU B 234 19.65 6.02 -10.41
CA LEU B 234 19.69 5.29 -11.66
C LEU B 234 21.01 4.55 -11.71
N ILE B 235 20.95 3.24 -11.83
CA ILE B 235 22.16 2.43 -11.75
C ILE B 235 21.99 1.07 -12.44
N GLU B 236 23.11 0.54 -12.91
CA GLU B 236 23.16 -0.76 -13.56
C GLU B 236 23.30 -1.87 -12.52
N VAL B 237 22.30 -2.75 -12.49
CA VAL B 237 22.23 -3.78 -11.46
C VAL B 237 22.47 -5.14 -12.12
N PRO B 238 23.39 -5.96 -11.58
CA PRO B 238 23.66 -7.26 -12.19
C PRO B 238 22.49 -8.24 -12.05
N ILE B 239 22.26 -9.05 -13.08
CA ILE B 239 21.34 -10.17 -13.00
C ILE B 239 22.08 -11.41 -12.47
N GLU B 240 21.52 -12.06 -11.46
CA GLU B 240 22.17 -13.21 -10.84
C GLU B 240 22.49 -14.32 -11.83
N ASN B 241 23.64 -14.96 -11.62
CA ASN B 241 24.10 -16.10 -12.43
C ASN B 241 24.10 -15.82 -13.94
N SER B 242 24.65 -14.66 -14.30
CA SER B 242 24.68 -14.26 -15.70
C SER B 242 25.66 -13.13 -15.93
N ASP B 243 25.91 -12.85 -17.20
CA ASP B 243 26.74 -11.74 -17.67
C ASP B 243 25.94 -10.47 -17.83
N LYS B 244 24.62 -10.61 -17.76
CA LYS B 244 23.74 -9.54 -18.13
C LYS B 244 23.34 -8.67 -16.95
N SER B 245 22.81 -7.50 -17.26
CA SER B 245 22.36 -6.55 -16.27
C SER B 245 21.16 -5.77 -16.81
N LYS B 246 20.51 -5.02 -15.94
CA LYS B 246 19.51 -4.07 -16.35
C LYS B 246 19.78 -2.75 -15.66
N TRP B 247 19.27 -1.66 -16.22
CA TRP B 247 19.24 -0.40 -15.50
C TRP B 247 18.02 -0.36 -14.60
N VAL B 248 18.23 0.04 -13.35
CA VAL B 248 17.14 0.21 -12.41
C VAL B 248 17.03 1.66 -12.02
N MET B 249 15.82 2.20 -12.17
CA MET B 249 15.53 3.57 -11.72
C MET B 249 14.83 3.50 -10.36
N PHE B 250 15.42 4.16 -9.36
CA PHE B 250 14.84 4.29 -8.03
C PHE B 250 14.11 5.61 -7.88
N LEU B 251 13.08 5.61 -7.04
CA LEU B 251 12.28 6.78 -6.83
C LEU B 251 11.63 6.76 -5.47
N ALA B 252 11.74 7.86 -4.75
CA ALA B 252 11.14 7.99 -3.46
C ALA B 252 9.90 8.86 -3.60
N ILE B 253 8.82 8.47 -2.94
CA ILE B 253 7.67 9.37 -2.85
C ILE B 253 7.27 9.60 -1.40
N ASN B 254 6.86 10.83 -1.08
CA ASN B 254 6.33 11.21 0.22
C ASN B 254 5.75 12.61 0.17
N PRO B 255 4.63 12.84 0.89
CA PRO B 255 3.73 11.81 1.45
C PRO B 255 2.96 11.07 0.36
N GLY B 256 1.97 10.25 0.76
CA GLY B 256 1.08 9.60 -0.19
C GLY B 256 1.43 8.17 -0.62
N SER B 257 2.36 7.55 0.10
CA SER B 257 2.60 6.11 -0.03
C SER B 257 1.30 5.37 0.27
N PRO B 258 1.02 4.28 -0.48
CA PRO B 258 -0.19 3.51 -0.21
C PRO B 258 -0.13 2.83 1.16
N LEU B 259 1.06 2.73 1.74
CA LEU B 259 1.24 2.25 3.10
C LEU B 259 1.12 3.40 4.09
N GLY B 260 0.95 4.62 3.59
CA GLY B 260 1.00 5.81 4.44
C GLY B 260 2.39 6.43 4.58
N GLY B 261 2.50 7.69 4.21
CA GLY B 261 3.74 8.43 4.37
C GLY B 261 4.73 8.23 3.25
N SER B 262 5.92 7.76 3.62
CA SER B 262 7.05 7.69 2.72
C SER B 262 7.38 6.25 2.34
N ILE B 263 7.74 6.05 1.07
CA ILE B 263 8.13 4.73 0.55
C ILE B 263 9.02 4.91 -0.70
N ASN B 264 9.80 3.88 -1.01
CA ASN B 264 10.71 3.87 -2.15
C ASN B 264 10.24 2.85 -3.17
N GLN B 265 10.26 3.23 -4.44
CA GLN B 265 9.89 2.34 -5.53
C GLN B 265 10.98 2.23 -6.57
N TYR B 266 10.77 1.33 -7.53
CA TYR B 266 11.75 1.13 -8.59
C TYR B 266 11.14 0.69 -9.91
N PHE B 267 11.96 0.81 -10.95
CA PHE B 267 11.61 0.38 -12.29
C PHE B 267 12.81 -0.31 -12.93
N VAL B 268 12.56 -1.34 -13.74
CA VAL B 268 13.63 -2.10 -14.40
C VAL B 268 13.55 -1.88 -15.91
N GLY B 269 14.68 -1.54 -16.53
CA GLY B 269 14.70 -1.31 -17.97
C GLY B 269 16.09 -1.07 -18.50
N ASP B 270 16.18 -0.13 -19.44
CA ASP B 270 17.39 0.12 -20.16
C ASP B 270 17.64 1.63 -20.20
N PHE B 271 18.92 1.98 -20.33
CA PHE B 271 19.37 3.37 -20.33
C PHE B 271 20.51 3.52 -21.34
N ASP B 272 20.47 4.60 -22.12
CA ASP B 272 21.48 4.81 -23.16
C ASP B 272 22.32 6.09 -22.89
N GLY B 273 22.11 6.70 -21.74
CA GLY B 273 22.76 7.96 -21.43
C GLY B 273 21.85 9.16 -21.62
N PHE B 274 20.66 8.91 -22.17
CA PHE B 274 19.78 9.98 -22.58
C PHE B 274 18.35 9.75 -22.13
N GLN B 275 17.84 8.56 -22.32
CA GLN B 275 16.54 8.24 -21.78
C GLN B 275 16.45 6.82 -21.17
N PHE B 276 15.63 6.71 -20.14
CA PHE B 276 15.38 5.46 -19.46
C PHE B 276 14.07 4.86 -19.97
N VAL B 277 14.14 3.61 -20.41
CA VAL B 277 12.99 2.92 -20.99
C VAL B 277 12.71 1.66 -20.18
N PRO B 278 11.64 1.68 -19.37
CA PRO B 278 11.32 0.52 -18.54
C PRO B 278 10.84 -0.67 -19.39
N ASP B 279 11.12 -1.88 -18.94
CA ASP B 279 10.73 -3.09 -19.64
C ASP B 279 9.21 -3.35 -19.61
N ASP B 280 8.54 -2.83 -18.59
CA ASP B 280 7.10 -2.91 -18.48
C ASP B 280 6.64 -1.62 -17.83
N SER B 281 5.36 -1.53 -17.46
CA SER B 281 4.86 -0.34 -16.74
C SER B 281 4.30 -0.68 -15.33
N GLN B 282 4.84 -1.73 -14.71
CA GLN B 282 4.37 -2.09 -13.39
C GLN B 282 5.00 -1.27 -12.28
N THR B 283 4.26 -1.14 -11.18
CA THR B 283 4.73 -0.46 -9.99
C THR B 283 5.20 -1.51 -9.01
N ARG B 284 6.39 -1.28 -8.45
CA ARG B 284 6.97 -2.14 -7.38
C ARG B 284 7.74 -1.31 -6.37
N PHE B 285 7.65 -1.72 -5.10
CA PHE B 285 8.34 -1.01 -4.04
C PHE B 285 9.64 -1.71 -3.65
N VAL B 286 10.65 -0.92 -3.27
CA VAL B 286 11.93 -1.50 -2.89
C VAL B 286 11.84 -2.27 -1.57
N ASP B 287 11.04 -1.75 -0.65
CA ASP B 287 10.92 -2.29 0.70
C ASP B 287 9.50 -1.96 1.10
N ILE B 288 8.76 -2.98 1.55
CA ILE B 288 7.35 -2.81 1.89
C ILE B 288 7.11 -2.78 3.40
N GLY B 289 8.12 -2.35 4.15
CA GLY B 289 7.89 -1.96 5.53
C GLY B 289 7.57 -0.47 5.51
N LYS B 290 7.32 0.09 6.68
CA LYS B 290 6.99 1.50 6.76
C LYS B 290 8.19 2.42 6.78
N ASP B 291 9.37 1.87 7.06
CA ASP B 291 10.49 2.68 7.49
C ASP B 291 11.76 2.53 6.62
N PHE B 292 11.66 2.83 5.34
CA PHE B 292 12.80 2.69 4.42
C PHE B 292 12.63 3.75 3.34
N TYR B 293 13.38 4.85 3.45
CA TYR B 293 13.14 6.01 2.60
C TYR B 293 14.41 6.74 2.15
N ALA B 294 14.32 7.39 0.99
CA ALA B 294 15.42 8.18 0.44
C ALA B 294 16.66 7.32 0.25
N PHE B 295 16.42 6.17 -0.38
CA PHE B 295 17.47 5.21 -0.76
C PHE B 295 18.48 5.85 -1.71
N GLN B 296 19.76 5.69 -1.38
CA GLN B 296 20.85 6.05 -2.27
C GLN B 296 21.89 4.93 -2.36
N THR B 297 22.58 4.83 -3.51
CA THR B 297 23.67 3.88 -3.69
C THR B 297 25.04 4.54 -3.53
N PHE B 298 26.03 3.74 -3.13
CA PHE B 298 27.40 4.21 -2.98
C PHE B 298 28.08 4.32 -4.34
N SER B 299 28.79 5.44 -4.55
CA SER B 299 29.69 5.58 -5.70
C SER B 299 30.99 4.81 -5.45
N GLU B 300 31.67 4.46 -6.54
CA GLU B 300 32.96 3.78 -6.53
C GLU B 300 32.95 2.39 -5.91
N VAL B 301 31.83 1.67 -6.05
CA VAL B 301 31.75 0.26 -5.68
C VAL B 301 32.19 -0.57 -6.89
N GLU B 302 33.26 -1.32 -6.75
CA GLU B 302 33.59 -2.31 -7.77
C GLU B 302 32.93 -3.60 -7.32
N HIS B 303 32.33 -4.34 -8.25
CA HIS B 303 31.54 -5.54 -7.91
C HIS B 303 30.21 -5.21 -7.23
N GLY B 304 29.18 -5.11 -8.07
CA GLY B 304 27.81 -5.01 -7.60
C GLY B 304 27.32 -3.61 -7.26
N VAL B 305 26.17 -3.58 -6.58
CA VAL B 305 25.51 -2.36 -6.24
C VAL B 305 25.20 -2.43 -4.75
N LEU B 306 25.65 -1.42 -4.01
CA LEU B 306 25.40 -1.28 -2.60
C LEU B 306 24.71 0.04 -2.32
N GLY B 307 23.75 0.02 -1.42
CA GLY B 307 23.14 1.25 -0.96
C GLY B 307 22.47 1.08 0.38
N LEU B 308 21.96 2.18 0.91
CA LEU B 308 21.21 2.17 2.18
C LEU B 308 20.19 3.30 2.16
N ALA B 309 19.23 3.26 3.09
CA ALA B 309 18.21 4.31 3.19
C ALA B 309 18.16 4.92 4.60
N TRP B 310 17.35 5.97 4.74
CA TRP B 310 16.93 6.50 6.04
C TRP B 310 15.82 5.61 6.59
N ALA B 311 16.05 5.04 7.78
CA ALA B 311 15.15 4.03 8.34
C ALA B 311 14.07 4.62 9.26
N SER B 312 13.24 5.49 8.71
CA SER B 312 12.06 5.94 9.40
C SER B 312 10.99 6.32 8.36
N ASN B 313 9.89 6.92 8.83
CA ASN B 313 8.82 7.34 7.96
C ASN B 313 8.49 8.76 8.33
N TRP B 314 8.39 9.64 7.34
CA TRP B 314 8.15 11.07 7.60
C TRP B 314 6.88 11.37 8.43
N GLN B 315 5.92 10.46 8.45
CA GLN B 315 4.70 10.67 9.24
C GLN B 315 4.98 10.86 10.73
N TYR B 316 5.97 10.14 11.27
CA TYR B 316 6.20 10.08 12.71
C TYR B 316 7.67 10.14 13.14
N ALA B 317 8.59 10.23 12.17
CA ALA B 317 10.04 10.21 12.42
C ALA B 317 10.53 11.17 13.49
N ASP B 318 9.93 12.36 13.54
CA ASP B 318 10.32 13.41 14.49
C ASP B 318 9.65 13.28 15.87
N GLN B 319 8.94 12.19 16.12
CA GLN B 319 8.17 12.06 17.36
C GLN B 319 8.51 10.80 18.15
N VAL B 320 9.26 9.88 17.55
CA VAL B 320 9.61 8.62 18.19
C VAL B 320 10.46 8.88 19.46
N PRO B 321 10.35 7.98 20.48
CA PRO B 321 10.98 8.33 21.74
C PRO B 321 12.46 7.96 21.85
N THR B 322 13.28 8.66 21.07
CA THR B 322 14.73 8.57 21.26
C THR B 322 15.29 9.94 21.61
N ASN B 323 16.40 9.97 22.35
CA ASN B 323 17.08 11.21 22.73
C ASN B 323 18.46 10.82 23.24
N PRO B 324 19.51 11.61 22.92
CA PRO B 324 19.52 12.94 22.35
C PRO B 324 19.61 12.99 20.82
N TRP B 325 19.30 11.88 20.15
CA TRP B 325 19.28 11.84 18.67
C TRP B 325 17.92 11.32 18.17
N ARG B 326 17.65 11.53 16.87
CA ARG B 326 16.58 10.81 16.19
C ARG B 326 17.06 10.30 14.83
N SER B 327 16.79 9.03 14.55
CA SER B 327 16.98 8.35 13.24
C SER B 327 18.26 7.55 13.13
N SER B 328 18.17 6.39 12.48
CA SER B 328 19.31 5.66 12.01
C SER B 328 19.15 5.47 10.51
N THR B 329 20.22 5.02 9.85
CA THR B 329 20.15 4.50 8.49
C THR B 329 19.76 3.04 8.59
N SER B 330 19.39 2.43 7.45
CA SER B 330 19.27 0.99 7.36
C SER B 330 20.68 0.43 7.34
N LEU B 331 20.78 -0.89 7.38
CA LEU B 331 22.06 -1.51 7.04
C LEU B 331 22.38 -1.26 5.56
N ALA B 332 23.65 -1.32 5.21
CA ALA B 332 24.02 -1.30 3.80
C ALA B 332 23.53 -2.62 3.19
N ARG B 333 22.91 -2.55 2.03
CA ARG B 333 22.41 -3.76 1.35
C ARG B 333 23.04 -3.95 -0.05
N ASN B 334 23.13 -5.21 -0.47
CA ASN B 334 23.65 -5.63 -1.77
C ASN B 334 22.50 -5.91 -2.75
N TYR B 335 22.47 -5.18 -3.86
CA TYR B 335 21.38 -5.25 -4.85
C TYR B 335 21.69 -6.09 -6.11
N THR B 336 20.82 -7.06 -6.39
CA THR B 336 20.89 -7.89 -7.59
C THR B 336 19.50 -8.00 -8.23
N LEU B 337 19.43 -8.59 -9.42
CA LEU B 337 18.14 -8.94 -10.07
C LEU B 337 18.01 -10.47 -10.23
N ARG B 338 16.80 -10.99 -10.06
CA ARG B 338 16.54 -12.43 -10.12
C ARG B 338 15.14 -12.72 -10.67
N TYR B 339 15.03 -13.76 -11.51
CA TYR B 339 13.75 -14.21 -11.99
C TYR B 339 13.06 -15.02 -10.88
N VAL B 340 11.97 -14.49 -10.33
CA VAL B 340 11.23 -15.20 -9.30
C VAL B 340 9.77 -15.38 -9.66
N HIS B 341 9.20 -16.49 -9.20
CA HIS B 341 7.77 -16.69 -9.30
C HIS B 341 6.97 -15.65 -8.51
N THR B 342 6.09 -14.94 -9.19
CA THR B 342 5.17 -14.02 -8.51
C THR B 342 3.78 -14.64 -8.43
N ASN B 343 3.54 -15.65 -9.27
CA ASN B 343 2.46 -16.62 -9.07
C ASN B 343 2.95 -18.01 -9.53
N ALA B 344 2.08 -19.03 -9.53
CA ALA B 344 2.51 -20.40 -9.84
C ALA B 344 2.96 -20.56 -11.29
N GLU B 345 2.33 -19.80 -12.20
CA GLU B 345 2.69 -19.82 -13.62
C GLU B 345 3.89 -18.95 -14.01
N THR B 346 4.02 -17.77 -13.41
CA THR B 346 4.82 -16.69 -14.00
C THR B 346 5.96 -16.22 -13.12
N LYS B 347 7.13 -16.07 -13.74
CA LYS B 347 8.27 -15.44 -13.11
C LYS B 347 8.39 -14.00 -13.59
N GLN B 348 8.95 -13.14 -12.75
CA GLN B 348 9.28 -11.76 -13.13
C GLN B 348 10.72 -11.52 -12.73
N LEU B 349 11.46 -10.78 -13.54
CA LEU B 349 12.76 -10.25 -13.12
C LEU B 349 12.55 -9.22 -12.01
N THR B 350 13.11 -9.48 -10.83
CA THR B 350 12.71 -8.79 -9.60
C THR B 350 13.91 -8.31 -8.82
N LEU B 351 13.80 -7.13 -8.18
CA LEU B 351 14.92 -6.60 -7.40
C LEU B 351 15.09 -7.42 -6.13
N ILE B 352 16.32 -7.93 -5.96
CA ILE B 352 16.72 -8.67 -4.77
C ILE B 352 17.67 -7.81 -3.93
N GLN B 353 17.52 -7.88 -2.60
CA GLN B 353 18.49 -7.26 -1.69
C GLN B 353 18.79 -8.14 -0.49
N ASN B 354 20.06 -8.13 -0.10
CA ASN B 354 20.52 -8.84 1.11
C ASN B 354 21.44 -7.94 1.90
N PRO B 355 21.45 -8.09 3.25
CA PRO B 355 22.21 -7.14 4.08
C PRO B 355 23.72 -7.37 4.04
N VAL B 356 24.49 -6.30 4.14
CA VAL B 356 25.95 -6.39 4.24
C VAL B 356 26.34 -6.46 5.71
N LEU B 357 26.85 -7.63 6.10
CA LEU B 357 27.29 -7.91 7.47
C LEU B 357 28.64 -8.58 7.39
N PRO B 358 29.72 -7.81 7.61
CA PRO B 358 31.08 -8.31 7.50
C PRO B 358 31.41 -9.26 8.66
N ASP B 359 32.58 -9.90 8.59
CA ASP B 359 33.02 -10.85 9.63
C ASP B 359 33.61 -10.18 10.88
N SER B 360 33.86 -8.87 10.77
CA SER B 360 34.16 -8.01 11.92
C SER B 360 32.97 -7.86 12.91
N ILE B 361 31.93 -8.69 12.75
CA ILE B 361 30.85 -8.76 13.74
C ILE B 361 31.06 -9.95 14.66
N ASN B 362 31.11 -9.67 15.96
CA ASN B 362 31.24 -10.72 16.96
C ASN B 362 29.92 -11.44 17.16
N VAL B 363 29.99 -12.76 17.15
CA VAL B 363 28.89 -13.59 17.59
C VAL B 363 29.14 -13.92 19.05
N VAL B 364 28.30 -13.38 19.92
CA VAL B 364 28.38 -13.62 21.35
C VAL B 364 27.93 -15.04 21.70
N ASP B 365 26.86 -15.50 21.03
CA ASP B 365 26.25 -16.81 21.27
C ASP B 365 25.27 -17.10 20.13
N LYS B 366 24.94 -18.37 19.93
CA LYS B 366 24.01 -18.78 18.88
C LYS B 366 23.21 -20.01 19.27
N LEU B 367 21.99 -20.10 18.76
CA LEU B 367 21.20 -21.32 18.73
C LEU B 367 21.19 -21.81 17.29
N LYS B 368 21.45 -23.10 17.09
CA LYS B 368 21.54 -23.68 15.76
C LYS B 368 20.90 -25.06 15.76
N LYS B 369 19.83 -25.21 14.98
CA LYS B 369 19.07 -26.47 14.91
C LYS B 369 18.75 -26.89 13.49
N LYS B 370 18.59 -28.19 13.28
CA LYS B 370 18.23 -28.73 11.97
C LYS B 370 16.99 -29.62 12.00
N ASN B 371 16.20 -29.56 10.93
CA ASN B 371 15.02 -30.40 10.72
C ASN B 371 14.06 -30.49 11.89
N VAL B 372 13.72 -29.34 12.48
CA VAL B 372 12.86 -29.33 13.66
C VAL B 372 11.38 -29.31 13.28
N LYS B 373 10.65 -30.34 13.71
CA LYS B 373 9.20 -30.41 13.55
C LYS B 373 8.55 -29.51 14.62
N LEU B 374 8.11 -28.34 14.21
CA LEU B 374 7.60 -27.39 15.19
C LEU B 374 6.19 -27.80 15.61
N THR B 375 5.96 -27.79 16.91
CA THR B 375 4.66 -28.09 17.49
C THR B 375 4.55 -27.20 18.73
N ASN B 376 3.34 -27.03 19.24
CA ASN B 376 3.13 -26.17 20.40
C ASN B 376 3.75 -26.72 21.70
N LYS B 377 4.03 -28.01 21.76
CA LYS B 377 4.73 -28.57 22.90
C LYS B 377 6.26 -28.44 22.81
N LYS B 378 6.77 -28.24 21.59
CA LYS B 378 8.22 -28.10 21.34
C LYS B 378 8.60 -26.73 20.72
N PRO B 379 8.44 -25.63 21.48
CA PRO B 379 8.84 -24.32 20.96
C PRO B 379 10.35 -24.12 20.95
N ILE B 380 10.86 -23.32 20.02
CA ILE B 380 12.27 -22.95 20.01
C ILE B 380 12.43 -21.73 20.92
N LYS B 381 13.38 -21.80 21.84
CA LYS B 381 13.64 -20.70 22.78
C LYS B 381 15.13 -20.47 22.95
N THR B 382 15.55 -19.25 22.66
CA THR B 382 16.89 -18.80 22.92
C THR B 382 17.18 -18.84 24.42
N ASN B 383 18.38 -19.28 24.79
CA ASN B 383 18.78 -19.37 26.19
C ASN B 383 20.19 -18.83 26.41
N PHE B 384 20.37 -17.54 26.13
CA PHE B 384 21.68 -16.89 26.22
C PHE B 384 21.89 -16.29 27.60
N LYS B 385 23.16 -16.06 27.95
CA LYS B 385 23.54 -15.52 29.26
C LYS B 385 23.13 -14.07 29.41
N GLY B 386 23.36 -13.28 28.36
CA GLY B 386 22.96 -11.88 28.37
C GLY B 386 22.40 -11.45 27.02
N SER B 387 22.31 -10.13 26.85
CA SER B 387 21.80 -9.60 25.61
C SER B 387 22.44 -8.25 25.31
N THR B 388 22.86 -8.09 24.08
CA THR B 388 23.36 -6.81 23.60
C THR B 388 22.22 -5.97 23.00
N GLY B 389 21.08 -6.61 22.78
CA GLY B 389 19.95 -5.98 22.08
C GLY B 389 20.02 -6.12 20.57
N LEU B 390 21.06 -6.80 20.08
CA LEU B 390 21.28 -7.02 18.67
C LEU B 390 21.27 -8.52 18.36
N PHE B 391 20.31 -8.96 17.54
CA PHE B 391 20.18 -10.36 17.15
C PHE B 391 19.94 -10.52 15.64
N ASP B 392 20.28 -11.68 15.10
CA ASP B 392 19.67 -12.09 13.84
C ASP B 392 19.10 -13.53 13.88
N PHE B 393 18.21 -13.82 12.93
CA PHE B 393 17.57 -15.11 12.81
C PHE B 393 17.42 -15.49 11.35
N ASN B 394 17.71 -16.76 11.07
CA ASN B 394 17.88 -17.27 9.73
C ASN B 394 17.18 -18.62 9.65
N ILE B 395 16.06 -18.66 8.91
CA ILE B 395 15.19 -19.83 8.88
C ILE B 395 14.86 -20.26 7.47
N THR B 396 15.03 -21.55 7.19
CA THR B 396 14.47 -22.17 6.01
C THR B 396 13.45 -23.18 6.49
N PHE B 397 12.26 -23.16 5.91
CA PHE B 397 11.18 -24.02 6.39
C PHE B 397 10.31 -24.58 5.28
N LYS B 398 9.57 -25.64 5.64
CA LYS B 398 8.81 -26.44 4.72
C LYS B 398 7.41 -26.58 5.29
N VAL B 399 6.39 -26.45 4.44
CA VAL B 399 5.00 -26.58 4.88
C VAL B 399 4.49 -27.99 4.59
N LEU B 400 4.15 -28.69 5.66
CA LEU B 400 3.74 -30.08 5.59
C LEU B 400 2.27 -30.20 5.17
N ASN B 401 1.88 -31.41 4.78
CA ASN B 401 0.46 -31.73 4.52
C ASN B 401 -0.28 -32.18 5.77
N LEU B 402 -0.89 -31.22 6.44
CA LEU B 402 -1.62 -31.47 7.66
C LEU B 402 -2.82 -30.56 7.66
N ASN B 403 -4.01 -31.13 7.75
CA ASN B 403 -5.22 -30.33 7.89
C ASN B 403 -5.33 -29.88 9.33
N VAL B 404 -5.19 -28.58 9.55
CA VAL B 404 -5.28 -27.99 10.87
C VAL B 404 -6.36 -26.90 10.91
N SER B 405 -6.86 -26.56 12.10
CA SER B 405 -7.94 -25.55 12.21
C SER B 405 -7.48 -24.15 11.74
N PRO B 406 -8.39 -23.37 11.14
CA PRO B 406 -7.96 -22.13 10.46
C PRO B 406 -7.19 -21.14 11.32
N GLY B 407 -7.48 -21.08 12.62
CA GLY B 407 -6.80 -20.15 13.53
C GLY B 407 -5.37 -20.55 13.88
N LYS B 408 -4.92 -21.68 13.34
CA LYS B 408 -3.63 -22.28 13.72
C LYS B 408 -2.67 -22.49 12.55
N THR B 409 -3.11 -22.10 11.36
CA THR B 409 -2.28 -22.26 10.17
C THR B 409 -1.11 -21.25 10.10
N HIS B 410 -0.37 -21.10 11.19
CA HIS B 410 0.74 -20.18 11.24
C HIS B 410 1.80 -20.58 12.28
N PHE B 411 3.00 -20.01 12.14
CA PHE B 411 3.97 -19.97 13.24
C PHE B 411 4.52 -18.56 13.47
N ASP B 412 5.08 -18.32 14.66
CA ASP B 412 5.46 -16.96 15.06
C ASP B 412 6.83 -16.87 15.74
N ILE B 413 7.60 -15.87 15.33
CA ILE B 413 8.87 -15.52 15.95
C ILE B 413 8.62 -14.37 16.92
N LEU B 414 9.00 -14.56 18.17
CA LEU B 414 8.73 -13.57 19.18
C LEU B 414 10.04 -12.93 19.64
N ILE B 415 10.04 -11.60 19.67
CA ILE B 415 11.21 -10.88 20.10
C ILE B 415 10.87 -10.15 21.39
N ASN B 416 11.36 -10.70 22.49
CA ASN B 416 10.97 -10.30 23.84
C ASN B 416 12.02 -9.45 24.52
N SER B 417 11.55 -8.38 25.16
CA SER B 417 12.40 -7.64 26.09
C SER B 417 12.63 -8.43 27.37
N GLN B 418 13.47 -7.89 28.24
CA GLN B 418 13.53 -8.35 29.63
C GLN B 418 12.26 -7.89 30.31
N GLU B 419 11.92 -8.53 31.44
CA GLU B 419 10.77 -8.10 32.25
C GLU B 419 11.13 -6.85 33.07
N LEU B 420 10.28 -5.82 33.02
CA LEU B 420 10.55 -4.60 33.78
C LEU B 420 9.45 -4.16 34.75
N ASN B 421 8.44 -3.43 34.30
CA ASN B 421 7.31 -3.13 35.18
C ASN B 421 6.41 -4.36 35.25
N SER B 422 7.00 -5.44 35.76
CA SER B 422 6.46 -6.79 35.71
C SER B 422 5.71 -7.15 34.40
N SER B 423 6.25 -6.67 33.29
CA SER B 423 5.76 -7.05 31.96
C SER B 423 6.89 -7.22 30.95
N VAL B 424 6.67 -8.13 30.01
CA VAL B 424 7.54 -8.32 28.87
C VAL B 424 6.93 -7.64 27.65
N ASP B 425 7.71 -6.80 26.97
CA ASP B 425 7.31 -6.22 25.69
C ASP B 425 7.80 -7.12 24.57
N SER B 426 7.03 -7.22 23.50
CA SER B 426 7.43 -8.07 22.40
C SER B 426 6.85 -7.63 21.07
N ILE B 427 7.59 -7.95 20.01
CA ILE B 427 7.12 -7.80 18.65
C ILE B 427 7.13 -9.18 18.00
N LYS B 428 6.24 -9.37 17.04
CA LYS B 428 5.95 -10.70 16.50
C LYS B 428 6.25 -10.72 14.99
N ILE B 429 6.90 -11.78 14.51
CA ILE B 429 7.12 -12.01 13.06
C ILE B 429 6.70 -13.41 12.69
N GLY B 430 5.78 -13.54 11.74
CA GLY B 430 5.22 -14.85 11.46
C GLY B 430 4.96 -15.16 10.01
N PHE B 431 4.34 -16.31 9.79
CA PHE B 431 3.99 -16.81 8.48
C PHE B 431 2.72 -17.62 8.63
N ASP B 432 1.74 -17.33 7.78
CA ASP B 432 0.53 -18.12 7.75
C ASP B 432 0.54 -18.92 6.44
N SER B 433 0.38 -20.23 6.54
CA SER B 433 0.40 -21.12 5.36
C SER B 433 -0.89 -21.09 4.52
N SER B 434 -2.00 -20.65 5.11
CA SER B 434 -3.23 -20.53 4.33
C SER B 434 -3.18 -19.31 3.42
N GLN B 435 -2.38 -18.31 3.78
CA GLN B 435 -2.26 -17.08 3.01
C GLN B 435 -0.92 -16.99 2.28
N SER B 436 -0.04 -17.95 2.52
CA SER B 436 1.32 -17.92 1.96
C SER B 436 1.98 -16.54 2.17
N SER B 437 1.81 -15.98 3.36
CA SER B 437 2.25 -14.61 3.66
C SER B 437 2.98 -14.47 5.00
N PHE B 438 4.09 -13.73 4.97
CA PHE B 438 4.77 -13.31 6.18
C PHE B 438 4.05 -12.09 6.74
N TYR B 439 4.21 -11.85 8.03
CA TYR B 439 3.66 -10.66 8.66
C TYR B 439 4.52 -10.22 9.83
N ILE B 440 4.39 -8.94 10.18
CA ILE B 440 4.92 -8.41 11.42
C ILE B 440 3.78 -7.77 12.21
N ASP B 441 3.94 -7.78 13.53
CA ASP B 441 3.08 -7.00 14.41
C ASP B 441 4.00 -6.33 15.41
N ARG B 442 4.17 -5.02 15.26
CA ARG B 442 5.06 -4.25 16.14
C ARG B 442 4.30 -3.50 17.25
N HIS B 443 3.07 -3.90 17.51
CA HIS B 443 2.29 -3.26 18.56
C HIS B 443 2.98 -3.46 19.90
N ILE B 444 3.14 -2.36 20.63
CA ILE B 444 3.64 -2.41 22.00
C ILE B 444 2.67 -1.64 22.92
N PRO B 445 2.15 -2.31 23.96
CA PRO B 445 1.23 -1.62 24.86
C PRO B 445 1.94 -0.54 25.66
N ASN B 446 1.23 0.55 25.95
CA ASN B 446 1.68 1.58 26.88
C ASN B 446 2.86 2.41 26.43
N VAL B 447 3.11 2.44 25.12
CA VAL B 447 4.10 3.35 24.58
C VAL B 447 3.35 4.29 23.65
N GLU B 448 3.40 5.57 23.98
CA GLU B 448 2.67 6.56 23.22
C GLU B 448 3.61 7.70 22.81
N PHE B 449 3.37 8.24 21.62
CA PHE B 449 4.06 9.42 21.13
C PHE B 449 3.16 10.10 20.10
N PRO B 450 3.42 11.37 19.82
CA PRO B 450 2.58 12.09 18.85
C PRO B 450 2.62 11.46 17.45
N ARG B 451 1.46 11.50 16.80
CA ARG B 451 1.25 11.01 15.43
C ARG B 451 1.39 9.50 15.30
N LYS B 452 1.20 8.80 16.40
CA LYS B 452 1.13 7.34 16.37
C LYS B 452 -0.10 6.77 15.62
N GLN B 453 -1.07 7.61 15.24
CA GLN B 453 -2.21 7.17 14.41
C GLN B 453 -1.71 6.63 13.08
N PHE B 454 -0.50 7.04 12.70
CA PHE B 454 0.06 6.69 11.40
C PHE B 454 1.11 5.57 11.53
N PHE B 455 1.41 5.18 12.76
CA PHE B 455 2.40 4.15 13.06
C PHE B 455 1.72 2.77 12.91
N THR B 456 1.61 2.31 11.66
CA THR B 456 0.93 1.03 11.34
C THR B 456 1.61 -0.13 12.06
N ASP B 457 0.84 -0.93 12.79
CA ASP B 457 1.41 -2.04 13.56
C ASP B 457 1.50 -3.36 12.77
N LYS B 458 0.52 -3.61 11.92
CA LYS B 458 0.38 -4.89 11.23
C LYS B 458 0.69 -4.75 9.72
N LEU B 459 1.72 -5.43 9.25
CA LEU B 459 2.15 -5.36 7.87
C LEU B 459 2.44 -6.75 7.35
N ALA B 460 2.11 -7.02 6.10
CA ALA B 460 2.25 -8.39 5.57
C ALA B 460 3.00 -8.38 4.26
N ALA B 461 3.43 -9.57 3.83
CA ALA B 461 4.05 -9.77 2.53
C ALA B 461 3.71 -11.15 2.00
N TYR B 462 3.01 -11.17 0.86
CA TYR B 462 2.70 -12.40 0.16
C TYR B 462 3.93 -12.83 -0.65
N LEU B 463 4.30 -14.11 -0.54
CA LEU B 463 5.36 -14.69 -1.38
C LEU B 463 4.99 -16.06 -1.92
N GLU B 464 5.35 -16.31 -3.17
CA GLU B 464 5.34 -17.67 -3.71
C GLU B 464 6.46 -18.48 -3.01
N PRO B 465 6.33 -19.82 -2.98
CA PRO B 465 7.40 -20.65 -2.44
C PRO B 465 8.79 -20.35 -3.01
N LEU B 466 9.78 -20.33 -2.13
CA LEU B 466 11.18 -20.29 -2.55
C LEU B 466 11.49 -21.51 -3.41
N ASP B 467 10.87 -22.65 -3.10
CA ASP B 467 11.13 -23.90 -3.78
C ASP B 467 10.09 -24.94 -3.39
N TYR B 468 10.14 -26.09 -4.09
CA TYR B 468 9.31 -27.26 -3.80
C TYR B 468 10.18 -28.48 -3.50
N ASP B 469 9.87 -29.15 -2.39
CA ASP B 469 10.55 -30.37 -1.99
C ASP B 469 9.49 -31.45 -2.09
N GLN B 470 9.56 -32.21 -3.19
CA GLN B 470 8.46 -33.04 -3.69
C GLN B 470 7.34 -32.09 -4.12
N ASP B 471 6.27 -32.05 -3.33
CA ASP B 471 5.12 -31.17 -3.57
C ASP B 471 4.86 -30.25 -2.37
N LEU B 472 5.82 -30.24 -1.43
CA LEU B 472 5.72 -29.40 -0.23
C LEU B 472 6.39 -28.06 -0.47
N ARG B 473 5.75 -27.00 0.01
CA ARG B 473 6.25 -25.64 -0.19
C ARG B 473 7.39 -25.26 0.77
N VAL B 474 8.48 -24.78 0.21
CA VAL B 474 9.66 -24.32 0.97
C VAL B 474 9.76 -22.77 0.90
N PHE B 475 10.06 -22.13 2.03
CA PHE B 475 10.29 -20.68 2.12
C PHE B 475 11.54 -20.39 2.97
N SER B 476 12.09 -19.18 2.86
CA SER B 476 13.17 -18.75 3.75
C SER B 476 12.92 -17.36 4.33
N LEU B 477 13.59 -17.08 5.45
CA LEU B 477 13.46 -15.79 6.14
C LEU B 477 14.75 -15.49 6.89
N TYR B 478 15.35 -14.33 6.62
CA TYR B 478 16.43 -13.79 7.42
C TYR B 478 15.96 -12.47 8.03
N GLY B 479 16.19 -12.31 9.34
CA GLY B 479 15.79 -11.10 10.05
C GLY B 479 16.92 -10.61 10.96
N ILE B 480 17.05 -9.30 11.08
CA ILE B 480 18.02 -8.72 12.03
C ILE B 480 17.40 -7.59 12.87
N VAL B 481 17.63 -7.68 14.16
CA VAL B 481 17.03 -6.78 15.13
C VAL B 481 18.15 -6.03 15.82
N ASP B 482 18.04 -4.70 15.84
CA ASP B 482 19.08 -3.85 16.40
C ASP B 482 18.50 -2.75 17.30
N LYS B 483 18.05 -3.18 18.47
CA LYS B 483 17.56 -2.32 19.54
C LYS B 483 16.29 -1.52 19.27
N ASN B 484 16.14 -0.98 18.07
CA ASN B 484 14.92 -0.23 17.74
C ASN B 484 14.50 -0.36 16.28
N ILE B 485 15.13 -1.29 15.56
CA ILE B 485 14.90 -1.49 14.12
C ILE B 485 15.01 -2.97 13.72
N ILE B 486 14.03 -3.44 12.94
CA ILE B 486 14.05 -4.79 12.43
C ILE B 486 14.01 -4.78 10.89
N GLU B 487 14.91 -5.55 10.30
CA GLU B 487 14.99 -5.68 8.87
C GLU B 487 14.76 -7.14 8.50
N LEU B 488 13.69 -7.38 7.75
CA LEU B 488 13.31 -8.72 7.34
C LEU B 488 13.56 -8.86 5.86
N TYR B 489 14.07 -10.04 5.49
CA TYR B 489 14.39 -10.39 4.11
C TYR B 489 13.79 -11.78 3.83
N PHE B 490 12.75 -11.83 2.99
CA PHE B 490 12.03 -13.07 2.71
C PHE B 490 12.52 -13.73 1.43
N ASN B 491 12.60 -15.07 1.46
CA ASN B 491 13.03 -15.88 0.32
C ASN B 491 14.32 -15.37 -0.32
N ASP B 492 15.43 -15.43 0.42
CA ASP B 492 16.73 -14.94 -0.04
C ASP B 492 16.70 -13.51 -0.64
N GLY B 493 15.98 -12.61 0.03
CA GLY B 493 15.94 -11.21 -0.38
C GLY B 493 14.96 -10.87 -1.49
N THR B 494 14.04 -11.79 -1.78
CA THR B 494 12.99 -11.56 -2.79
C THR B 494 12.13 -10.34 -2.42
N VAL B 495 11.71 -10.25 -1.17
CA VAL B 495 11.14 -9.00 -0.67
C VAL B 495 11.77 -8.65 0.68
N ALA B 496 11.89 -7.34 0.92
CA ALA B 496 12.45 -6.80 2.13
C ALA B 496 11.41 -5.91 2.81
N MET B 497 11.41 -5.91 4.13
CA MET B 497 10.49 -5.15 4.95
C MET B 497 11.23 -4.59 6.18
N THR B 498 11.28 -3.27 6.29
CA THR B 498 12.02 -2.59 7.34
C THR B 498 11.07 -1.75 8.20
N ASN B 499 11.18 -1.90 9.52
CA ASN B 499 10.32 -1.20 10.49
C ASN B 499 11.08 -0.90 11.76
N THR B 500 10.94 0.33 12.26
CA THR B 500 11.39 0.63 13.61
C THR B 500 10.35 0.07 14.63
N PHE B 501 10.76 -0.01 15.89
CA PHE B 501 9.85 -0.37 16.99
C PHE B 501 10.32 0.28 18.29
N PHE B 502 9.40 0.54 19.19
CA PHE B 502 9.74 1.26 20.43
C PHE B 502 9.16 0.59 21.64
N MET B 503 10.01 -0.22 22.27
CA MET B 503 9.71 -0.86 23.52
C MET B 503 9.64 0.20 24.64
N GLY B 504 9.05 -0.20 25.77
CA GLY B 504 8.87 0.75 26.88
C GLY B 504 10.21 1.17 27.43
N GLU B 505 10.23 2.32 28.09
CA GLU B 505 11.41 2.82 28.78
C GLU B 505 12.24 1.72 29.47
N GLY B 506 13.52 1.63 29.11
CA GLY B 506 14.42 0.65 29.74
C GLY B 506 14.49 -0.71 29.05
N LYS B 507 13.48 -1.04 28.25
CA LYS B 507 13.37 -2.37 27.63
C LYS B 507 14.01 -2.47 26.25
N TYR B 508 14.60 -3.62 25.97
CA TYR B 508 15.21 -3.91 24.67
C TYR B 508 15.25 -5.42 24.45
N PRO B 509 15.45 -5.89 23.21
CA PRO B 509 15.35 -7.30 22.95
C PRO B 509 16.33 -8.13 23.80
N HIS B 510 15.80 -9.14 24.49
CA HIS B 510 16.58 -9.98 25.39
C HIS B 510 16.66 -11.44 24.98
N ASP B 511 15.60 -11.96 24.38
CA ASP B 511 15.59 -13.33 23.91
C ASP B 511 14.59 -13.49 22.77
N ILE B 512 14.70 -14.61 22.05
CA ILE B 512 13.87 -14.90 20.90
C ILE B 512 13.22 -16.28 20.99
N GLN B 513 11.93 -16.36 20.65
CA GLN B 513 11.24 -17.65 20.58
C GLN B 513 10.58 -17.91 19.23
N ILE B 514 10.50 -19.19 18.86
CA ILE B 514 9.72 -19.61 17.70
C ILE B 514 8.65 -20.61 18.14
N VAL B 515 7.38 -20.24 17.96
CA VAL B 515 6.26 -20.99 18.50
C VAL B 515 5.17 -21.24 17.45
N THR B 516 4.31 -22.21 17.74
CA THR B 516 3.11 -22.46 16.94
C THR B 516 2.02 -22.98 17.86
N ASP B 517 0.77 -22.92 17.41
CA ASP B 517 -0.37 -23.47 18.13
C ASP B 517 -0.82 -24.85 17.65
N THR B 518 -0.24 -25.35 16.56
CA THR B 518 -0.61 -26.69 16.07
C THR B 518 -0.11 -27.78 16.99
N GLU B 519 -0.93 -28.82 17.21
CA GLU B 519 -0.52 -29.98 18.00
C GLU B 519 0.42 -30.92 17.22
N GLU B 520 0.14 -31.15 15.94
CA GLU B 520 1.03 -31.97 15.11
C GLU B 520 1.96 -31.03 14.31
N PRO B 521 2.84 -31.54 13.43
CA PRO B 521 3.67 -30.50 12.84
C PRO B 521 3.24 -30.04 11.43
N LEU B 522 2.83 -28.78 11.33
CA LEU B 522 2.53 -28.18 10.03
C LEU B 522 3.80 -27.62 9.39
N PHE B 523 4.71 -27.16 10.23
CA PHE B 523 5.95 -26.53 9.79
C PHE B 523 7.19 -27.29 10.24
N GLU B 524 7.98 -27.73 9.27
CA GLU B 524 9.28 -28.28 9.56
C GLU B 524 10.34 -27.25 9.21
N LEU B 525 11.13 -26.85 10.21
CA LEU B 525 12.19 -25.89 9.99
C LEU B 525 13.47 -26.66 9.67
N GLU B 526 13.77 -26.75 8.38
CA GLU B 526 14.97 -27.43 7.89
C GLU B 526 16.24 -26.90 8.55
N SER B 527 16.28 -25.59 8.80
CA SER B 527 17.41 -24.95 9.45
C SER B 527 17.00 -23.69 10.23
N VAL B 528 17.54 -23.56 11.44
CA VAL B 528 17.25 -22.40 12.30
C VAL B 528 18.55 -21.97 12.93
N ILE B 529 18.94 -20.71 12.69
CA ILE B 529 20.09 -20.12 13.35
C ILE B 529 19.70 -18.76 13.95
N ILE B 530 19.80 -18.64 15.26
CA ILE B 530 19.54 -17.38 15.94
C ILE B 530 20.81 -16.99 16.66
N ARG B 531 21.29 -15.78 16.40
CA ARG B 531 22.56 -15.33 16.97
C ARG B 531 22.41 -14.04 17.73
N GLU B 532 23.12 -13.94 18.84
CA GLU B 532 23.32 -12.67 19.53
C GLU B 532 24.62 -12.10 19.02
N LEU B 533 24.60 -10.81 18.70
CA LEU B 533 25.70 -10.18 18.01
C LEU B 533 26.17 -8.96 18.77
N ASN B 534 27.41 -8.53 18.49
CA ASN B 534 27.94 -7.29 19.09
C ASN B 534 28.93 -6.57 18.15
N LYS B 535 29.13 -5.27 18.41
CA LYS B 535 30.26 -4.51 17.85
C LYS B 535 31.58 -5.18 18.25
#